data_5WI6
#
_entry.id   5WI6
#
_cell.length_a   96.743
_cell.length_b   96.743
_cell.length_c   238.553
_cell.angle_alpha   90.00
_cell.angle_beta   90.00
_cell.angle_gamma   120.00
#
_symmetry.space_group_name_H-M   'P 32 2 1'
#
loop_
_entity.id
_entity.type
_entity.pdbx_description
1 polymer 'Tryptase alpha/beta-1'
2 non-polymer 'SULFATE ION'
3 non-polymer L-alpha-glutamyl-N-{(1S)-4-{[amino(iminio)methyl]amino}-1-[(1S)-2-chloro-1-hydroxyethyl]butyl}glycinamide
4 water water
#
_entity_poly.entity_id   1
_entity_poly.type   'polypeptide(L)'
_entity_poly.pdbx_seq_one_letter_code
;IVGGQEAPRSKWPWQVSLRVHGPYWMHFCGGSLIHPQWVLTAAHCVGPDVKDLAALRVQLREQHLYYQDQLLPVSRIIVH
PQFYTAQCGADIALLELEEPVNVSSHVHTVTLPPASETFPPGMPCWVTGWGDVDNDERLPPPFPLKQVKVPIMENHICDA
KYHLGAYTGDDVRIVRDDMLCAGNTRRDSCQGDSGGPLVCKVNGTWLQAGVVSWGEGCAQPNRPGIYTRVTYYLDWIHHY
VPKKP
;
_entity_poly.pdbx_strand_id   A,B,C,D
#
loop_
_chem_comp.id
_chem_comp.type
_chem_comp.name
_chem_comp.formula
0GJ peptide-like L-alpha-glutamyl-N-{(1S)-4-{[amino(iminio)methyl]amino}-1-[(1S)-2-chloro-1-hydroxyethyl]butyl}glycinamide 'C14 H28 Cl N6 O5 1'
SO4 non-polymer 'SULFATE ION' 'O4 S -2'
#
# COMPACT_ATOMS: atom_id res chain seq x y z
N ILE A 1 -9.97 -19.10 -2.99
CA ILE A 1 -10.85 -20.07 -2.35
C ILE A 1 -10.69 -19.97 -0.83
N VAL A 2 -11.79 -19.73 -0.12
CA VAL A 2 -11.86 -19.65 1.34
C VAL A 2 -12.30 -21.06 1.84
N GLY A 3 -11.42 -21.70 2.62
CA GLY A 3 -11.63 -23.05 3.12
C GLY A 3 -10.99 -24.05 2.16
N GLY A 4 -11.41 -25.30 2.25
CA GLY A 4 -10.91 -26.33 1.37
C GLY A 4 -9.44 -26.66 1.48
N GLN A 5 -8.87 -27.22 0.41
CA GLN A 5 -7.51 -27.73 0.34
C GLN A 5 -6.94 -27.66 -1.06
N GLU A 6 -5.66 -28.03 -1.22
CA GLU A 6 -4.96 -28.10 -2.50
C GLU A 6 -5.55 -29.25 -3.30
N ALA A 7 -5.83 -29.02 -4.57
CA ALA A 7 -6.42 -30.01 -5.44
C ALA A 7 -5.39 -31.03 -5.95
N PRO A 8 -5.73 -32.35 -6.01
CA PRO A 8 -4.78 -33.33 -6.58
C PRO A 8 -4.65 -33.11 -8.10
N ARG A 9 -3.50 -33.50 -8.70
CA ARG A 9 -3.21 -33.31 -10.13
C ARG A 9 -4.21 -33.95 -11.09
N SER A 10 -4.91 -35.00 -10.64
CA SER A 10 -5.89 -35.74 -11.42
C SER A 10 -7.23 -34.98 -11.61
N LYS A 11 -7.68 -34.26 -10.56
CA LYS A 11 -8.94 -33.54 -10.54
C LYS A 11 -8.92 -32.19 -11.29
N TRP A 12 -10.12 -31.80 -11.78
CA TRP A 12 -10.47 -30.55 -12.48
C TRP A 12 -9.63 -30.27 -13.75
N PRO A 13 -9.68 -31.14 -14.79
CA PRO A 13 -8.88 -30.88 -16.01
C PRO A 13 -9.30 -29.68 -16.85
N TRP A 14 -10.53 -29.19 -16.65
CA TRP A 14 -11.13 -28.08 -17.39
C TRP A 14 -10.82 -26.69 -16.83
N GLN A 15 -10.15 -26.62 -15.67
CA GLN A 15 -9.82 -25.37 -14.99
C GLN A 15 -8.82 -24.57 -15.80
N VAL A 16 -9.05 -23.26 -15.95
CA VAL A 16 -8.15 -22.36 -16.68
C VAL A 16 -7.91 -21.08 -15.88
N SER A 17 -6.79 -20.41 -16.16
CA SER A 17 -6.37 -19.17 -15.53
C SER A 17 -6.28 -18.11 -16.62
N LEU A 18 -6.92 -16.94 -16.42
CA LEU A 18 -6.83 -15.83 -17.36
C LEU A 18 -5.71 -14.89 -16.92
N ARG A 19 -4.86 -14.49 -17.86
CA ARG A 19 -3.67 -13.68 -17.60
C ARG A 19 -3.72 -12.35 -18.27
N VAL A 20 -3.29 -11.33 -17.54
CA VAL A 20 -3.22 -9.97 -18.02
C VAL A 20 -1.76 -9.53 -18.06
N HIS A 21 -1.37 -8.84 -19.12
CA HIS A 21 -0.01 -8.35 -19.30
C HIS A 21 0.31 -7.17 -18.38
N GLY A 22 1.46 -7.24 -17.77
CA GLY A 22 2.00 -6.20 -16.90
C GLY A 22 3.48 -6.46 -16.72
N PRO A 23 3.99 -6.41 -15.46
CA PRO A 23 5.41 -6.77 -15.24
C PRO A 23 5.65 -8.27 -15.46
N TYR A 24 4.53 -9.03 -15.53
CA TYR A 24 4.42 -10.46 -15.81
C TYR A 24 2.95 -10.76 -16.19
N TRP A 25 2.70 -11.95 -16.76
CA TRP A 25 1.37 -12.43 -17.15
C TRP A 25 0.67 -12.91 -15.89
N MET A 26 0.03 -11.96 -15.24
CA MET A 26 -0.63 -12.11 -13.97
C MET A 26 -2.03 -12.69 -14.05
N HIS A 27 -2.32 -13.62 -13.15
CA HIS A 27 -3.64 -14.24 -12.99
C HIS A 27 -4.59 -13.20 -12.43
N PHE A 28 -5.76 -13.05 -13.03
CA PHE A 28 -6.78 -12.15 -12.53
C PHE A 28 -8.15 -12.84 -12.42
N CYS A 29 -8.40 -13.88 -13.20
CA CYS A 29 -9.67 -14.60 -13.26
C CYS A 29 -9.47 -16.05 -13.57
N GLY A 30 -10.50 -16.84 -13.25
CA GLY A 30 -10.60 -18.24 -13.56
C GLY A 30 -11.49 -18.45 -14.78
N GLY A 31 -11.68 -19.70 -15.15
CA GLY A 31 -12.51 -20.06 -16.29
C GLY A 31 -12.58 -21.55 -16.48
N SER A 32 -13.40 -22.00 -17.44
CA SER A 32 -13.50 -23.43 -17.70
C SER A 32 -13.48 -23.67 -19.17
N LEU A 33 -12.81 -24.75 -19.58
CA LEU A 33 -12.71 -25.16 -20.98
C LEU A 33 -13.98 -25.98 -21.25
N ILE A 34 -14.88 -25.42 -22.07
CA ILE A 34 -16.18 -26.05 -22.36
C ILE A 34 -16.21 -26.72 -23.75
N HIS A 35 -15.20 -26.39 -24.57
CA HIS A 35 -15.00 -26.87 -25.93
C HIS A 35 -13.51 -26.64 -26.25
N PRO A 36 -12.86 -27.48 -27.09
CA PRO A 36 -11.42 -27.28 -27.36
C PRO A 36 -10.96 -25.88 -27.80
N GLN A 37 -11.87 -25.04 -28.26
CA GLN A 37 -11.53 -23.67 -28.69
C GLN A 37 -12.24 -22.56 -27.86
N TRP A 38 -13.03 -22.97 -26.84
CA TRP A 38 -13.87 -22.08 -26.06
C TRP A 38 -13.72 -22.20 -24.55
N VAL A 39 -13.52 -21.03 -23.93
CA VAL A 39 -13.43 -20.87 -22.48
C VAL A 39 -14.67 -20.10 -21.99
N LEU A 40 -15.36 -20.64 -20.99
CA LEU A 40 -16.49 -20.00 -20.32
C LEU A 40 -15.96 -19.29 -19.04
N THR A 41 -16.24 -18.01 -18.93
CA THR A 41 -15.79 -17.16 -17.81
C THR A 41 -16.94 -16.20 -17.38
N ALA A 42 -16.62 -15.26 -16.49
CA ALA A 42 -17.56 -14.24 -16.01
C ALA A 42 -17.27 -12.97 -16.84
N ALA A 43 -18.33 -12.24 -17.18
CA ALA A 43 -18.21 -11.03 -17.97
C ALA A 43 -17.53 -9.89 -17.22
N HIS A 44 -17.59 -9.84 -15.87
CA HIS A 44 -16.99 -8.76 -15.08
C HIS A 44 -15.47 -8.80 -15.08
N CYS A 45 -14.91 -9.91 -15.55
CA CYS A 45 -13.47 -10.18 -15.70
C CYS A 45 -12.93 -9.39 -16.86
N VAL A 46 -13.69 -9.37 -17.97
CA VAL A 46 -13.29 -8.83 -19.26
C VAL A 46 -14.10 -7.61 -19.75
N GLY A 47 -15.22 -7.31 -19.11
CA GLY A 47 -16.12 -6.22 -19.46
C GLY A 47 -16.53 -5.37 -18.28
N PRO A 48 -17.49 -4.45 -18.47
CA PRO A 48 -18.24 -4.15 -19.72
C PRO A 48 -17.46 -3.45 -20.83
N ASP A 49 -16.37 -2.74 -20.50
CA ASP A 49 -15.50 -1.98 -21.41
C ASP A 49 -14.54 -2.91 -22.13
N VAL A 50 -14.36 -2.74 -23.43
CA VAL A 50 -13.49 -3.51 -24.29
C VAL A 50 -12.03 -3.23 -23.96
N LYS A 51 -11.26 -4.30 -23.78
CA LYS A 51 -9.82 -4.36 -23.45
C LYS A 51 -9.10 -4.83 -24.71
N ASP A 52 -7.77 -4.65 -24.76
CA ASP A 52 -6.89 -5.11 -25.83
C ASP A 52 -6.66 -6.62 -25.70
N LEU A 53 -7.05 -7.39 -26.73
CA LEU A 53 -6.90 -8.84 -26.79
C LEU A 53 -5.44 -9.27 -26.71
N ALA A 54 -4.53 -8.37 -27.12
CA ALA A 54 -3.08 -8.58 -27.09
C ALA A 54 -2.57 -8.71 -25.68
N ALA A 55 -3.18 -7.98 -24.72
CA ALA A 55 -2.78 -8.01 -23.31
C ALA A 55 -3.45 -9.14 -22.50
N LEU A 56 -4.07 -10.11 -23.18
CA LEU A 56 -4.78 -11.22 -22.56
C LEU A 56 -4.34 -12.57 -23.11
N ARG A 57 -4.02 -13.50 -22.19
CA ARG A 57 -3.63 -14.88 -22.50
C ARG A 57 -4.41 -15.83 -21.61
N VAL A 58 -4.47 -17.09 -22.00
CA VAL A 58 -5.17 -18.16 -21.30
C VAL A 58 -4.16 -19.24 -20.96
N GLN A 59 -4.25 -19.75 -19.73
CA GLN A 59 -3.40 -20.82 -19.27
C GLN A 59 -4.30 -21.96 -18.87
N LEU A 60 -4.05 -23.15 -19.45
CA LEU A 60 -4.82 -24.34 -19.13
C LEU A 60 -4.32 -24.95 -17.82
N ARG A 61 -5.09 -25.91 -17.28
CA ARG A 61 -4.84 -26.62 -16.01
C ARG A 61 -3.39 -26.84 -15.67
N GLU A 62 -2.98 -26.19 -14.59
CA GLU A 62 -1.65 -26.29 -14.01
C GLU A 62 -1.80 -26.35 -12.49
N GLN A 63 -0.97 -27.16 -11.84
CA GLN A 63 -1.04 -27.38 -10.39
C GLN A 63 -0.65 -26.13 -9.60
N HIS A 64 0.42 -25.47 -10.02
CA HIS A 64 0.99 -24.29 -9.36
C HIS A 64 1.10 -23.19 -10.39
N LEU A 65 0.46 -22.04 -10.11
CA LEU A 65 0.51 -20.90 -11.02
C LEU A 65 1.92 -20.48 -11.34
N TYR A 66 2.16 -20.10 -12.61
CA TYR A 66 3.39 -19.52 -13.17
C TYR A 66 4.58 -20.47 -13.35
N TYR A 67 4.54 -21.67 -12.77
CA TYR A 67 5.67 -22.59 -12.90
C TYR A 67 5.93 -23.05 -14.32
N GLN A 68 4.96 -23.72 -14.94
CA GLN A 68 5.15 -24.26 -16.27
C GLN A 68 4.16 -23.65 -17.25
N ASP A 69 4.22 -22.32 -17.37
CA ASP A 69 3.35 -21.53 -18.25
C ASP A 69 3.53 -21.84 -19.72
N GLN A 70 2.38 -22.10 -20.38
CA GLN A 70 2.20 -22.36 -21.80
C GLN A 70 0.97 -21.52 -22.13
N LEU A 71 1.19 -20.22 -22.34
CA LEU A 71 0.15 -19.21 -22.56
C LEU A 71 -0.41 -19.17 -23.96
N LEU A 72 -1.74 -19.24 -24.06
CA LEU A 72 -2.47 -19.27 -25.32
C LEU A 72 -3.15 -17.94 -25.65
N PRO A 73 -2.96 -17.42 -26.88
CA PRO A 73 -3.67 -16.17 -27.25
C PRO A 73 -5.17 -16.41 -27.49
N VAL A 74 -5.92 -15.30 -27.40
CA VAL A 74 -7.38 -15.26 -27.55
C VAL A 74 -7.72 -14.46 -28.84
N SER A 75 -8.62 -15.00 -29.67
CA SER A 75 -9.03 -14.28 -30.90
C SER A 75 -10.23 -13.41 -30.67
N ARG A 76 -11.14 -13.85 -29.79
CA ARG A 76 -12.39 -13.17 -29.59
C ARG A 76 -12.90 -13.28 -28.17
N ILE A 77 -13.45 -12.17 -27.67
CA ILE A 77 -14.12 -12.08 -26.38
C ILE A 77 -15.58 -11.78 -26.71
N ILE A 78 -16.50 -12.65 -26.29
CA ILE A 78 -17.93 -12.45 -26.46
C ILE A 78 -18.56 -12.31 -25.08
N VAL A 79 -18.95 -11.09 -24.73
CA VAL A 79 -19.60 -10.78 -23.47
C VAL A 79 -21.11 -10.72 -23.70
N HIS A 80 -21.93 -11.30 -22.79
CA HIS A 80 -23.39 -11.26 -22.91
C HIS A 80 -23.88 -9.82 -23.17
N PRO A 81 -24.70 -9.58 -24.22
CA PRO A 81 -25.11 -8.18 -24.51
C PRO A 81 -25.87 -7.47 -23.39
N GLN A 82 -26.51 -8.23 -22.48
CA GLN A 82 -27.28 -7.66 -21.38
C GLN A 82 -26.45 -7.31 -20.15
N PHE A 83 -25.13 -7.49 -20.22
CA PHE A 83 -24.24 -7.24 -19.10
C PHE A 83 -23.71 -5.82 -19.01
N TYR A 84 -23.67 -5.30 -17.77
CA TYR A 84 -23.01 -4.05 -17.39
C TYR A 84 -22.38 -4.21 -16.01
N THR A 85 -23.15 -4.67 -14.97
CA THR A 85 -22.63 -4.96 -13.62
C THR A 85 -22.99 -6.36 -13.21
N ALA A 86 -22.09 -7.02 -12.47
CA ALA A 86 -22.22 -8.41 -11.98
C ALA A 86 -23.52 -8.70 -11.21
N GLN A 87 -23.89 -7.82 -10.27
CA GLN A 87 -25.07 -7.96 -9.42
C GLN A 87 -26.38 -7.88 -10.16
N CYS A 88 -26.37 -7.24 -11.33
CA CYS A 88 -27.60 -7.03 -12.08
C CYS A 88 -27.83 -8.05 -13.22
N GLY A 89 -27.08 -9.16 -13.17
CA GLY A 89 -27.23 -10.27 -14.08
C GLY A 89 -26.39 -10.22 -15.33
N ALA A 90 -26.53 -11.31 -16.14
CA ALA A 90 -25.86 -11.59 -17.41
C ALA A 90 -24.32 -11.62 -17.26
N ASP A 91 -23.81 -12.00 -16.05
CA ASP A 91 -22.37 -12.05 -15.81
C ASP A 91 -21.76 -13.33 -16.37
N ILE A 92 -21.65 -13.37 -17.72
CA ILE A 92 -21.16 -14.52 -18.47
C ILE A 92 -20.45 -14.06 -19.74
N ALA A 93 -19.35 -14.72 -20.09
CA ALA A 93 -18.58 -14.40 -21.28
C ALA A 93 -17.88 -15.63 -21.81
N LEU A 94 -17.55 -15.58 -23.12
CA LEU A 94 -16.87 -16.67 -23.82
C LEU A 94 -15.61 -16.14 -24.42
N LEU A 95 -14.57 -16.96 -24.34
CA LEU A 95 -13.29 -16.63 -24.97
C LEU A 95 -13.00 -17.68 -26.03
N GLU A 96 -12.76 -17.21 -27.25
CA GLU A 96 -12.41 -18.08 -28.35
C GLU A 96 -10.88 -18.06 -28.48
N LEU A 97 -10.30 -19.24 -28.26
CA LEU A 97 -8.86 -19.45 -28.39
C LEU A 97 -8.42 -19.34 -29.90
N GLU A 98 -7.24 -18.78 -30.13
CA GLU A 98 -6.72 -18.60 -31.49
C GLU A 98 -6.72 -19.94 -32.27
N GLU A 99 -6.45 -21.06 -31.57
CA GLU A 99 -6.49 -22.41 -32.11
C GLU A 99 -6.99 -23.45 -31.07
N PRO A 100 -7.68 -24.52 -31.51
CA PRO A 100 -8.16 -25.52 -30.54
C PRO A 100 -7.04 -26.27 -29.81
N VAL A 101 -7.35 -26.82 -28.64
CA VAL A 101 -6.37 -27.53 -27.82
C VAL A 101 -6.45 -29.04 -28.03
N ASN A 102 -5.28 -29.72 -27.91
CA ASN A 102 -5.18 -31.17 -27.99
C ASN A 102 -5.55 -31.67 -26.60
N VAL A 103 -6.80 -32.11 -26.45
CA VAL A 103 -7.34 -32.55 -25.17
C VAL A 103 -6.78 -33.93 -24.76
N SER A 104 -6.10 -33.95 -23.62
CA SER A 104 -5.51 -35.14 -23.01
C SER A 104 -6.41 -35.62 -21.84
N SER A 105 -5.94 -36.59 -21.05
CA SER A 105 -6.69 -37.08 -19.87
C SER A 105 -6.49 -36.10 -18.70
N HIS A 106 -5.35 -35.37 -18.69
CA HIS A 106 -5.00 -34.39 -17.67
C HIS A 106 -5.63 -33.01 -17.97
N VAL A 107 -5.88 -32.71 -19.25
CA VAL A 107 -6.49 -31.45 -19.72
C VAL A 107 -7.61 -31.74 -20.73
N HIS A 108 -8.88 -31.60 -20.31
CA HIS A 108 -10.06 -31.78 -21.18
C HIS A 108 -11.26 -30.96 -20.70
N THR A 109 -12.31 -30.90 -21.52
CA THR A 109 -13.50 -30.09 -21.32
C THR A 109 -14.45 -30.58 -20.24
N VAL A 110 -15.30 -29.64 -19.74
CA VAL A 110 -16.35 -29.90 -18.75
C VAL A 110 -17.68 -29.99 -19.50
N THR A 111 -18.55 -30.85 -19.00
CA THR A 111 -19.86 -31.09 -19.57
C THR A 111 -20.85 -30.02 -19.06
N LEU A 112 -21.48 -29.29 -20.01
CA LEU A 112 -22.51 -28.29 -19.69
C LEU A 112 -23.78 -29.00 -19.26
N PRO A 113 -24.55 -28.46 -18.30
CA PRO A 113 -25.71 -29.21 -17.83
C PRO A 113 -26.86 -29.25 -18.82
N PRO A 114 -27.76 -30.25 -18.76
CA PRO A 114 -28.94 -30.19 -19.63
C PRO A 114 -29.88 -29.10 -19.09
N ALA A 115 -30.57 -28.37 -19.99
CA ALA A 115 -31.49 -27.26 -19.69
C ALA A 115 -32.42 -27.46 -18.49
N SER A 116 -32.83 -28.70 -18.25
CA SER A 116 -33.75 -29.10 -17.18
C SER A 116 -33.14 -29.20 -15.77
N GLU A 117 -31.81 -29.36 -15.66
CA GLU A 117 -31.15 -29.53 -14.36
C GLU A 117 -31.24 -28.26 -13.50
N THR A 118 -31.82 -28.42 -12.30
CA THR A 118 -32.10 -27.33 -11.34
C THR A 118 -31.05 -27.16 -10.24
N PHE A 119 -30.27 -28.24 -9.93
CA PHE A 119 -29.24 -28.28 -8.88
C PHE A 119 -29.84 -27.94 -7.51
N PRO A 120 -30.67 -28.87 -6.95
CA PRO A 120 -31.31 -28.59 -5.67
C PRO A 120 -30.37 -28.60 -4.47
N PRO A 121 -30.73 -27.95 -3.33
CA PRO A 121 -29.85 -28.00 -2.15
C PRO A 121 -29.51 -29.43 -1.71
N GLY A 122 -28.31 -29.61 -1.16
CA GLY A 122 -27.83 -30.92 -0.74
C GLY A 122 -27.09 -31.62 -1.86
N MET A 123 -26.80 -30.88 -2.94
CA MET A 123 -26.06 -31.36 -4.10
C MET A 123 -24.54 -31.30 -3.77
N PRO A 124 -23.72 -32.33 -4.10
CA PRO A 124 -22.27 -32.23 -3.83
C PRO A 124 -21.56 -31.37 -4.88
N CYS A 125 -21.28 -30.10 -4.55
CA CYS A 125 -20.65 -29.19 -5.50
C CYS A 125 -19.32 -28.66 -5.05
N TRP A 126 -18.42 -28.48 -6.00
CA TRP A 126 -17.10 -27.96 -5.78
C TRP A 126 -16.86 -26.72 -6.58
N VAL A 127 -16.12 -25.81 -5.99
CA VAL A 127 -15.63 -24.61 -6.63
C VAL A 127 -14.10 -24.67 -6.50
N THR A 128 -13.42 -24.37 -7.59
CA THR A 128 -11.97 -24.43 -7.71
C THR A 128 -11.41 -23.11 -8.23
N GLY A 129 -10.15 -22.82 -7.89
CA GLY A 129 -9.48 -21.62 -8.33
C GLY A 129 -8.20 -21.29 -7.62
N TRP A 130 -7.62 -20.15 -7.98
CA TRP A 130 -6.39 -19.63 -7.39
C TRP A 130 -6.67 -18.23 -6.81
N GLY A 131 -7.90 -17.98 -6.39
CA GLY A 131 -8.27 -16.69 -5.81
C GLY A 131 -7.79 -16.53 -4.37
N ASP A 132 -8.18 -15.41 -3.75
CA ASP A 132 -7.83 -15.05 -2.39
C ASP A 132 -8.24 -16.11 -1.37
N VAL A 133 -7.39 -16.39 -0.38
CA VAL A 133 -7.62 -17.41 0.66
C VAL A 133 -8.46 -16.86 1.82
N ASP A 134 -8.70 -15.54 1.84
CA ASP A 134 -9.52 -14.77 2.78
C ASP A 134 -9.66 -13.32 2.28
N ASN A 135 -10.48 -12.49 2.96
CA ASN A 135 -10.70 -11.09 2.63
C ASN A 135 -9.37 -10.33 2.66
N ASP A 136 -8.96 -9.78 1.49
CA ASP A 136 -7.72 -9.02 1.24
C ASP A 136 -6.44 -9.82 1.58
N GLU A 137 -6.49 -11.15 1.39
CA GLU A 137 -5.37 -12.06 1.63
C GLU A 137 -5.15 -12.91 0.38
N ARG A 138 -4.09 -12.59 -0.38
CA ARG A 138 -3.75 -13.29 -1.63
C ARG A 138 -3.29 -14.73 -1.38
N LEU A 139 -3.49 -15.61 -2.40
CA LEU A 139 -3.03 -17.00 -2.36
C LEU A 139 -1.48 -16.95 -2.33
N PRO A 140 -0.82 -17.53 -1.31
CA PRO A 140 0.63 -17.55 -1.12
C PRO A 140 1.34 -18.46 -2.11
N PRO A 141 2.60 -18.17 -2.52
CA PRO A 141 3.46 -19.01 -3.36
C PRO A 141 3.60 -20.39 -2.70
N PRO A 142 3.69 -21.53 -3.43
CA PRO A 142 3.82 -21.67 -4.89
C PRO A 142 2.50 -21.64 -5.68
N PHE A 143 1.44 -21.02 -5.11
CA PHE A 143 0.11 -20.82 -5.73
C PHE A 143 -0.56 -22.11 -6.19
N PRO A 144 -0.87 -23.02 -5.25
CA PRO A 144 -1.52 -24.26 -5.65
C PRO A 144 -2.99 -24.05 -6.03
N LEU A 145 -3.52 -24.88 -6.93
CA LEU A 145 -4.93 -24.84 -7.28
C LEU A 145 -5.69 -25.37 -6.07
N LYS A 146 -6.68 -24.62 -5.61
CA LYS A 146 -7.46 -25.01 -4.45
C LYS A 146 -8.86 -25.54 -4.83
N GLN A 147 -9.51 -26.24 -3.91
CA GLN A 147 -10.84 -26.79 -4.12
C GLN A 147 -11.61 -26.75 -2.84
N VAL A 148 -12.92 -26.46 -2.90
CA VAL A 148 -13.77 -26.46 -1.71
C VAL A 148 -15.16 -27.01 -2.08
N LYS A 149 -15.69 -27.91 -1.22
CA LYS A 149 -17.03 -28.45 -1.36
C LYS A 149 -17.97 -27.39 -0.78
N VAL A 150 -18.94 -26.92 -1.58
CA VAL A 150 -19.84 -25.85 -1.14
C VAL A 150 -21.30 -26.29 -1.09
N PRO A 151 -22.01 -25.96 0.01
CA PRO A 151 -23.44 -26.34 0.08
C PRO A 151 -24.34 -25.43 -0.78
N ILE A 152 -25.12 -26.03 -1.71
CA ILE A 152 -26.07 -25.30 -2.55
C ILE A 152 -27.23 -24.82 -1.68
N MET A 153 -27.70 -23.60 -1.96
CA MET A 153 -28.82 -22.97 -1.28
C MET A 153 -29.90 -22.63 -2.28
N GLU A 154 -31.17 -22.75 -1.88
CA GLU A 154 -32.31 -22.40 -2.72
C GLU A 154 -32.29 -20.87 -2.85
N ASN A 155 -32.57 -20.38 -4.06
CA ASN A 155 -32.53 -18.96 -4.43
C ASN A 155 -33.39 -18.05 -3.59
N HIS A 156 -34.50 -18.54 -3.07
CA HIS A 156 -35.40 -17.73 -2.25
C HIS A 156 -34.84 -17.57 -0.87
N ILE A 157 -34.18 -18.64 -0.37
CA ILE A 157 -33.55 -18.67 0.95
C ILE A 157 -32.42 -17.66 0.92
N CYS A 158 -31.67 -17.71 -0.17
CA CYS A 158 -30.55 -16.85 -0.49
C CYS A 158 -30.93 -15.36 -0.59
N ASP A 159 -31.95 -15.04 -1.39
CA ASP A 159 -32.47 -13.69 -1.55
C ASP A 159 -32.88 -13.12 -0.20
N ALA A 160 -33.55 -13.94 0.64
CA ALA A 160 -33.99 -13.54 1.97
C ALA A 160 -32.79 -13.22 2.84
N LYS A 161 -31.71 -14.02 2.73
CA LYS A 161 -30.48 -13.83 3.51
C LYS A 161 -29.81 -12.52 3.15
N TYR A 162 -29.82 -12.20 1.84
CA TYR A 162 -29.26 -10.97 1.29
C TYR A 162 -30.07 -9.73 1.71
N HIS A 163 -31.32 -9.92 2.16
CA HIS A 163 -32.15 -8.83 2.66
C HIS A 163 -31.94 -8.57 4.15
N LEU A 164 -31.35 -9.52 4.88
CA LEU A 164 -31.05 -9.36 6.32
C LEU A 164 -29.89 -8.41 6.49
N GLY A 165 -30.13 -7.34 7.21
CA GLY A 165 -29.12 -6.33 7.46
C GLY A 165 -28.83 -5.49 6.23
N ALA A 166 -29.85 -5.30 5.39
CA ALA A 166 -29.84 -4.52 4.15
C ALA A 166 -31.06 -3.63 4.12
N TYR A 167 -30.92 -2.44 3.53
CA TYR A 167 -31.98 -1.44 3.38
C TYR A 167 -32.95 -1.76 2.23
N THR A 168 -32.56 -2.67 1.32
CA THR A 168 -33.34 -3.04 0.13
C THR A 168 -34.70 -3.61 0.51
N GLY A 169 -35.74 -3.14 -0.15
CA GLY A 169 -37.12 -3.62 0.05
C GLY A 169 -37.22 -5.11 -0.15
N ASP A 170 -38.01 -5.79 0.70
CA ASP A 170 -38.18 -7.26 0.64
C ASP A 170 -38.73 -7.76 -0.70
N ASP A 171 -39.53 -6.93 -1.37
CA ASP A 171 -40.13 -7.23 -2.68
C ASP A 171 -39.20 -6.95 -3.85
N VAL A 172 -38.01 -6.40 -3.57
CA VAL A 172 -36.97 -6.10 -4.57
C VAL A 172 -36.03 -7.29 -4.61
N ARG A 173 -36.02 -7.99 -5.75
CA ARG A 173 -35.23 -9.19 -6.00
C ARG A 173 -33.76 -8.84 -6.21
N ILE A 174 -32.90 -9.25 -5.28
CA ILE A 174 -31.44 -9.12 -5.32
C ILE A 174 -30.87 -10.35 -6.08
N VAL A 175 -31.32 -11.59 -5.72
CA VAL A 175 -30.92 -12.86 -6.33
C VAL A 175 -32.04 -13.24 -7.29
N ARG A 176 -31.70 -13.42 -8.57
CA ARG A 176 -32.65 -13.68 -9.63
C ARG A 176 -32.48 -15.07 -10.20
N ASP A 177 -33.33 -15.44 -11.17
CA ASP A 177 -33.36 -16.77 -11.76
C ASP A 177 -32.15 -17.13 -12.58
N ASP A 178 -31.39 -16.14 -13.07
CA ASP A 178 -30.18 -16.44 -13.81
C ASP A 178 -28.98 -16.64 -12.84
N MET A 179 -29.26 -16.73 -11.53
CA MET A 179 -28.26 -16.88 -10.47
C MET A 179 -28.44 -18.15 -9.65
N LEU A 180 -27.37 -18.54 -8.96
CA LEU A 180 -27.30 -19.73 -8.12
C LEU A 180 -26.53 -19.34 -6.84
N CYS A 181 -26.88 -19.92 -5.68
CA CYS A 181 -26.22 -19.65 -4.39
C CYS A 181 -25.54 -20.85 -3.80
N ALA A 182 -24.35 -20.63 -3.24
CA ALA A 182 -23.56 -21.69 -2.61
C ALA A 182 -22.58 -21.14 -1.60
N GLY A 183 -22.22 -21.97 -0.62
CA GLY A 183 -21.24 -21.64 0.39
C GLY A 183 -21.79 -21.16 1.72
N ASN A 184 -20.91 -21.09 2.72
CA ASN A 184 -21.20 -20.64 4.08
C ASN A 184 -20.04 -19.77 4.61
N THR A 185 -19.91 -19.66 5.93
CA THR A 185 -18.87 -18.86 6.60
C THR A 185 -17.48 -19.55 6.64
N ARG A 186 -17.41 -20.85 6.34
CA ARG A 186 -16.15 -21.60 6.31
C ARG A 186 -15.71 -21.87 4.87
N ARG A 187 -16.68 -22.01 3.95
CA ARG A 187 -16.50 -22.41 2.56
C ARG A 187 -17.08 -21.38 1.58
N ASP A 188 -16.23 -20.82 0.71
CA ASP A 188 -16.60 -19.84 -0.32
C ASP A 188 -15.50 -19.62 -1.36
N SER A 189 -15.86 -18.98 -2.47
CA SER A 189 -14.95 -18.53 -3.50
C SER A 189 -14.61 -17.08 -3.11
N CYS A 190 -13.58 -16.49 -3.71
CA CYS A 190 -13.16 -15.13 -3.36
C CYS A 190 -12.74 -14.35 -4.62
N GLN A 191 -12.10 -13.16 -4.46
CA GLN A 191 -11.59 -12.36 -5.58
C GLN A 191 -10.48 -13.15 -6.28
N GLY A 192 -10.52 -13.18 -7.61
CA GLY A 192 -9.55 -13.93 -8.40
C GLY A 192 -10.04 -15.32 -8.74
N ASP A 193 -11.21 -15.71 -8.18
CA ASP A 193 -11.87 -16.99 -8.43
C ASP A 193 -12.96 -16.82 -9.47
N SER A 194 -13.34 -15.56 -9.79
CA SER A 194 -14.36 -15.21 -10.79
C SER A 194 -14.14 -15.87 -12.12
N GLY A 195 -15.21 -16.34 -12.74
CA GLY A 195 -15.12 -17.05 -14.01
C GLY A 195 -14.94 -18.54 -13.76
N GLY A 196 -14.36 -18.86 -12.61
CA GLY A 196 -14.12 -20.21 -12.14
C GLY A 196 -15.39 -21.04 -12.10
N PRO A 197 -15.27 -22.35 -12.38
CA PRO A 197 -16.47 -23.19 -12.42
C PRO A 197 -16.94 -23.74 -11.07
N LEU A 198 -18.28 -23.84 -10.92
CA LEU A 198 -18.96 -24.49 -9.83
C LEU A 198 -19.48 -25.79 -10.49
N VAL A 199 -18.87 -26.94 -10.15
CA VAL A 199 -19.19 -28.25 -10.74
C VAL A 199 -19.89 -29.17 -9.74
N CYS A 200 -20.87 -29.95 -10.20
CA CYS A 200 -21.61 -30.91 -9.37
C CYS A 200 -21.60 -32.26 -10.02
N LYS A 201 -21.49 -33.31 -9.21
CA LYS A 201 -21.52 -34.66 -9.75
C LYS A 201 -22.96 -35.15 -9.75
N VAL A 202 -23.52 -35.31 -10.96
CA VAL A 202 -24.89 -35.73 -11.18
C VAL A 202 -24.88 -36.97 -12.08
N ASN A 203 -25.46 -38.10 -11.58
CA ASN A 203 -25.57 -39.38 -12.33
C ASN A 203 -24.17 -39.85 -12.81
N GLY A 204 -23.16 -39.72 -11.94
CA GLY A 204 -21.78 -40.09 -12.25
C GLY A 204 -21.06 -39.23 -13.26
N THR A 205 -21.60 -38.03 -13.55
CA THR A 205 -20.99 -37.07 -14.48
C THR A 205 -20.75 -35.73 -13.81
N TRP A 206 -19.64 -35.05 -14.22
CA TRP A 206 -19.30 -33.74 -13.72
C TRP A 206 -19.89 -32.69 -14.64
N LEU A 207 -20.85 -31.92 -14.07
CA LEU A 207 -21.59 -30.87 -14.77
C LEU A 207 -21.28 -29.47 -14.24
N GLN A 208 -21.07 -28.50 -15.14
CA GLN A 208 -20.86 -27.15 -14.68
C GLN A 208 -22.18 -26.45 -14.37
N ALA A 209 -22.49 -26.31 -13.08
CA ALA A 209 -23.70 -25.66 -12.59
C ALA A 209 -23.62 -24.13 -12.69
N GLY A 210 -22.48 -23.56 -12.31
CA GLY A 210 -22.33 -22.11 -12.29
C GLY A 210 -20.94 -21.59 -12.58
N VAL A 211 -20.87 -20.26 -12.67
CA VAL A 211 -19.66 -19.46 -12.91
C VAL A 211 -19.55 -18.49 -11.71
N VAL A 212 -18.40 -18.45 -11.01
CA VAL A 212 -18.16 -17.52 -9.86
C VAL A 212 -18.44 -16.09 -10.33
N SER A 213 -19.38 -15.40 -9.68
CA SER A 213 -19.83 -14.08 -10.11
C SER A 213 -19.62 -12.98 -9.04
N TRP A 214 -20.35 -13.02 -7.93
CA TRP A 214 -20.27 -11.99 -6.92
C TRP A 214 -20.71 -12.43 -5.54
N GLY A 215 -20.60 -11.52 -4.58
CA GLY A 215 -20.98 -11.68 -3.18
C GLY A 215 -20.58 -10.46 -2.37
N GLU A 216 -21.09 -10.32 -1.13
CA GLU A 216 -20.68 -9.22 -0.22
C GLU A 216 -19.57 -9.86 0.62
N GLY A 217 -18.33 -9.49 0.35
CA GLY A 217 -17.16 -10.06 1.01
C GLY A 217 -16.98 -11.54 0.71
N CYS A 218 -16.10 -12.21 1.46
CA CYS A 218 -15.81 -13.64 1.30
C CYS A 218 -16.15 -14.34 2.60
N ALA A 219 -17.02 -15.36 2.51
CA ALA A 219 -17.50 -16.20 3.62
C ALA A 219 -18.05 -15.38 4.82
N GLN A 220 -18.82 -14.30 4.50
CA GLN A 220 -19.47 -13.41 5.48
C GLN A 220 -20.82 -14.03 5.89
N PRO A 221 -21.29 -13.83 7.14
CA PRO A 221 -22.60 -14.40 7.53
C PRO A 221 -23.76 -13.80 6.75
N ASN A 222 -24.68 -14.66 6.27
CA ASN A 222 -25.89 -14.33 5.51
C ASN A 222 -25.58 -13.73 4.13
N ARG A 223 -24.41 -14.02 3.60
CA ARG A 223 -23.95 -13.54 2.32
C ARG A 223 -23.27 -14.70 1.55
N PRO A 224 -24.02 -15.75 1.11
CA PRO A 224 -23.36 -16.83 0.34
C PRO A 224 -22.95 -16.32 -1.04
N GLY A 225 -22.05 -17.04 -1.68
CA GLY A 225 -21.56 -16.69 -2.99
C GLY A 225 -22.63 -16.85 -4.05
N ILE A 226 -22.69 -15.87 -4.98
CA ILE A 226 -23.62 -15.88 -6.12
C ILE A 226 -22.86 -16.29 -7.37
N TYR A 227 -23.43 -17.26 -8.08
CA TYR A 227 -22.88 -17.80 -9.31
C TYR A 227 -23.88 -17.55 -10.42
N THR A 228 -23.39 -17.40 -11.64
CA THR A 228 -24.25 -17.27 -12.82
C THR A 228 -24.75 -18.69 -13.12
N ARG A 229 -26.05 -18.86 -13.30
CA ARG A 229 -26.65 -20.16 -13.59
C ARG A 229 -26.43 -20.48 -15.06
N VAL A 230 -25.59 -21.47 -15.35
CA VAL A 230 -25.25 -21.90 -16.70
C VAL A 230 -26.49 -22.33 -17.51
N THR A 231 -27.43 -23.12 -16.92
CA THR A 231 -28.66 -23.56 -17.62
C THR A 231 -29.43 -22.42 -18.26
N TYR A 232 -29.54 -21.29 -17.56
CA TYR A 232 -30.21 -20.08 -18.00
C TYR A 232 -29.62 -19.51 -19.32
N TYR A 233 -28.31 -19.72 -19.55
CA TYR A 233 -27.61 -19.15 -20.71
C TYR A 233 -27.18 -20.17 -21.77
N LEU A 234 -27.70 -21.41 -21.71
CA LEU A 234 -27.35 -22.45 -22.70
C LEU A 234 -27.65 -22.05 -24.13
N ASP A 235 -28.81 -21.44 -24.40
CA ASP A 235 -29.15 -20.99 -25.73
C ASP A 235 -28.16 -19.96 -26.27
N TRP A 236 -27.75 -19.01 -25.41
CA TRP A 236 -26.77 -18.00 -25.79
C TRP A 236 -25.39 -18.65 -26.02
N ILE A 237 -24.99 -19.61 -25.15
CA ILE A 237 -23.72 -20.34 -25.25
C ILE A 237 -23.70 -21.08 -26.56
N HIS A 238 -24.76 -21.87 -26.85
CA HIS A 238 -24.87 -22.68 -28.06
C HIS A 238 -25.03 -21.89 -29.36
N HIS A 239 -25.21 -20.58 -29.28
CA HIS A 239 -25.25 -19.74 -30.47
C HIS A 239 -23.81 -19.57 -31.00
N TYR A 240 -22.80 -19.79 -30.15
CA TYR A 240 -21.39 -19.64 -30.51
C TYR A 240 -20.60 -20.91 -30.38
N VAL A 241 -20.93 -21.73 -29.38
CA VAL A 241 -20.25 -22.96 -29.05
C VAL A 241 -21.00 -24.20 -29.59
N PRO A 242 -20.28 -25.04 -30.39
CA PRO A 242 -20.90 -26.28 -30.92
C PRO A 242 -21.37 -27.28 -29.86
N LYS A 243 -22.50 -27.97 -30.14
CA LYS A 243 -23.10 -29.00 -29.26
C LYS A 243 -22.41 -30.35 -29.44
N ILE B 1 18.38 -8.82 -7.99
CA ILE B 1 19.46 -8.63 -8.95
C ILE B 1 19.05 -7.68 -10.08
N VAL B 2 19.78 -6.57 -10.23
CA VAL B 2 19.56 -5.56 -11.27
C VAL B 2 20.52 -5.88 -12.43
N GLY B 3 19.96 -6.15 -13.61
CA GLY B 3 20.71 -6.56 -14.78
C GLY B 3 20.82 -8.06 -14.83
N GLY B 4 21.78 -8.55 -15.60
CA GLY B 4 22.01 -9.98 -15.73
C GLY B 4 20.86 -10.78 -16.31
N GLN B 5 20.83 -12.06 -15.96
CA GLN B 5 19.91 -13.04 -16.51
C GLN B 5 19.63 -14.17 -15.52
N GLU B 6 18.72 -15.08 -15.90
CA GLU B 6 18.38 -16.27 -15.14
C GLU B 6 19.60 -17.20 -15.18
N ALA B 7 19.95 -17.75 -14.02
CA ALA B 7 21.10 -18.62 -13.87
C ALA B 7 20.78 -20.04 -14.36
N PRO B 8 21.71 -20.71 -15.08
CA PRO B 8 21.47 -22.12 -15.47
C PRO B 8 21.49 -23.03 -14.23
N ARG B 9 20.79 -24.18 -14.28
CA ARG B 9 20.67 -25.14 -13.17
C ARG B 9 22.00 -25.65 -12.60
N SER B 10 23.05 -25.67 -13.43
CA SER B 10 24.39 -26.17 -13.10
C SER B 10 25.18 -25.21 -12.22
N LYS B 11 25.03 -23.89 -12.46
CA LYS B 11 25.78 -22.83 -11.77
C LYS B 11 25.27 -22.51 -10.37
N TRP B 12 26.20 -22.03 -9.51
CA TRP B 12 26.02 -21.54 -8.12
C TRP B 12 25.41 -22.57 -7.17
N PRO B 13 26.06 -23.73 -6.93
CA PRO B 13 25.46 -24.75 -6.04
C PRO B 13 25.37 -24.38 -4.56
N TRP B 14 26.13 -23.38 -4.13
CA TRP B 14 26.23 -22.90 -2.76
C TRP B 14 25.18 -21.86 -2.36
N GLN B 15 24.39 -21.39 -3.33
CA GLN B 15 23.38 -20.36 -3.11
C GLN B 15 22.26 -20.88 -2.20
N VAL B 16 21.85 -20.08 -1.19
CA VAL B 16 20.78 -20.47 -0.27
C VAL B 16 19.83 -19.30 -0.09
N SER B 17 18.58 -19.62 0.24
CA SER B 17 17.50 -18.67 0.50
C SER B 17 17.10 -18.79 1.98
N LEU B 18 17.05 -17.67 2.71
CA LEU B 18 16.62 -17.67 4.11
C LEU B 18 15.13 -17.35 4.15
N ARG B 19 14.38 -18.14 4.93
CA ARG B 19 12.92 -18.03 5.03
C ARG B 19 12.45 -17.66 6.39
N VAL B 20 11.49 -16.74 6.44
CA VAL B 20 10.87 -16.30 7.67
C VAL B 20 9.39 -16.74 7.69
N HIS B 21 8.92 -17.23 8.84
CA HIS B 21 7.56 -17.69 9.01
C HIS B 21 6.56 -16.55 9.07
N GLY B 22 5.46 -16.72 8.35
CA GLY B 22 4.34 -15.79 8.30
C GLY B 22 3.15 -16.50 7.67
N PRO B 23 2.48 -15.87 6.66
CA PRO B 23 1.40 -16.59 5.96
C PRO B 23 1.97 -17.74 5.10
N TYR B 24 3.31 -17.70 4.89
CA TYR B 24 4.15 -18.67 4.20
C TYR B 24 5.59 -18.41 4.56
N TRP B 25 6.48 -19.38 4.26
CA TRP B 25 7.93 -19.32 4.49
C TRP B 25 8.54 -18.45 3.41
N MET B 26 8.53 -17.16 3.68
CA MET B 26 8.93 -16.10 2.78
C MET B 26 10.42 -15.86 2.74
N HIS B 27 10.95 -15.68 1.52
CA HIS B 27 12.34 -15.35 1.27
C HIS B 27 12.57 -13.92 1.71
N PHE B 28 13.63 -13.67 2.48
CA PHE B 28 13.97 -12.34 2.90
C PHE B 28 15.45 -12.02 2.67
N CYS B 29 16.29 -13.05 2.62
CA CYS B 29 17.73 -12.91 2.44
C CYS B 29 18.31 -14.08 1.71
N GLY B 30 19.51 -13.88 1.21
CA GLY B 30 20.32 -14.92 0.62
C GLY B 30 21.44 -15.30 1.58
N GLY B 31 22.21 -16.30 1.20
CA GLY B 31 23.35 -16.77 1.96
C GLY B 31 24.11 -17.73 1.11
N SER B 32 25.25 -18.21 1.61
CA SER B 32 26.06 -19.19 0.91
C SER B 32 26.42 -20.30 1.84
N LEU B 33 26.45 -21.52 1.32
CA LEU B 33 26.79 -22.71 2.06
C LEU B 33 28.31 -22.79 2.02
N ILE B 34 28.96 -22.54 3.17
CA ILE B 34 30.42 -22.50 3.27
C ILE B 34 31.01 -23.79 3.87
N HIS B 35 30.14 -24.61 4.47
CA HIS B 35 30.46 -25.86 5.12
C HIS B 35 29.14 -26.65 5.19
N PRO B 36 29.13 -28.01 5.13
CA PRO B 36 27.86 -28.75 5.16
C PRO B 36 26.86 -28.42 6.28
N GLN B 37 27.29 -27.72 7.35
CA GLN B 37 26.40 -27.32 8.44
C GLN B 37 26.39 -25.82 8.66
N TRP B 38 27.05 -25.05 7.81
CA TRP B 38 27.18 -23.63 8.01
C TRP B 38 26.82 -22.80 6.80
N VAL B 39 25.98 -21.78 7.05
CA VAL B 39 25.55 -20.79 6.06
C VAL B 39 26.13 -19.43 6.45
N LEU B 40 26.81 -18.77 5.51
CA LEU B 40 27.35 -17.41 5.67
C LEU B 40 26.34 -16.42 5.07
N THR B 41 25.94 -15.44 5.86
CA THR B 41 24.99 -14.43 5.43
C THR B 41 25.40 -13.02 5.97
N ALA B 42 24.48 -12.06 5.88
CA ALA B 42 24.70 -10.71 6.38
C ALA B 42 23.99 -10.60 7.72
N ALA B 43 24.60 -9.83 8.62
CA ALA B 43 24.10 -9.62 9.96
C ALA B 43 22.81 -8.82 10.01
N HIS B 44 22.58 -7.91 9.04
CA HIS B 44 21.39 -7.05 9.01
C HIS B 44 20.11 -7.82 8.66
N CYS B 45 20.27 -9.06 8.21
CA CYS B 45 19.22 -10.01 7.86
C CYS B 45 18.57 -10.54 9.12
N VAL B 46 19.40 -10.87 10.13
CA VAL B 46 19.01 -11.55 11.34
C VAL B 46 19.19 -10.74 12.65
N GLY B 47 19.89 -9.61 12.58
CA GLY B 47 20.16 -8.74 13.71
C GLY B 47 19.87 -7.27 13.47
N PRO B 48 20.24 -6.37 14.41
CA PRO B 48 20.97 -6.62 15.66
C PRO B 48 20.17 -7.31 16.79
N ASP B 49 18.84 -7.21 16.78
CA ASP B 49 17.90 -7.79 17.76
C ASP B 49 17.71 -9.29 17.50
N VAL B 50 17.71 -10.09 18.55
CA VAL B 50 17.55 -11.54 18.55
C VAL B 50 16.14 -11.94 18.15
N LYS B 51 16.02 -12.87 17.20
CA LYS B 51 14.79 -13.41 16.63
C LYS B 51 14.65 -14.86 17.12
N ASP B 52 13.45 -15.44 16.98
CA ASP B 52 13.11 -16.83 17.30
C ASP B 52 13.64 -17.73 16.15
N LEU B 53 14.50 -18.69 16.48
CA LEU B 53 15.10 -19.65 15.55
C LEU B 53 14.03 -20.54 14.91
N ALA B 54 12.89 -20.71 15.61
CA ALA B 54 11.76 -21.51 15.16
C ALA B 54 11.11 -20.89 13.92
N ALA B 55 11.10 -19.54 13.83
CA ALA B 55 10.51 -18.82 12.71
C ALA B 55 11.48 -18.65 11.52
N LEU B 56 12.60 -19.39 11.51
CA LEU B 56 13.62 -19.31 10.48
C LEU B 56 13.98 -20.68 9.91
N ARG B 57 13.95 -20.79 8.56
CA ARG B 57 14.33 -21.99 7.83
C ARG B 57 15.30 -21.60 6.72
N VAL B 58 16.04 -22.58 6.21
CA VAL B 58 17.01 -22.43 5.13
C VAL B 58 16.60 -23.33 3.97
N GLN B 59 16.69 -22.77 2.77
CA GLN B 59 16.39 -23.50 1.57
C GLN B 59 17.64 -23.50 0.71
N LEU B 60 18.13 -24.69 0.35
CA LEU B 60 19.31 -24.82 -0.49
C LEU B 60 18.96 -24.54 -1.94
N ARG B 61 19.98 -24.37 -2.79
CA ARG B 61 19.90 -24.10 -4.23
C ARG B 61 18.64 -24.71 -4.89
N GLU B 62 17.82 -23.80 -5.41
CA GLU B 62 16.61 -24.11 -6.15
C GLU B 62 16.49 -23.08 -7.28
N GLN B 63 16.06 -23.55 -8.44
CA GLN B 63 16.00 -22.70 -9.63
C GLN B 63 14.92 -21.62 -9.53
N HIS B 64 13.75 -22.00 -9.02
CA HIS B 64 12.59 -21.14 -8.87
C HIS B 64 12.14 -21.19 -7.42
N LEU B 65 12.07 -20.02 -6.76
CA LEU B 65 11.64 -19.94 -5.35
C LEU B 65 10.28 -20.56 -5.14
N TYR B 66 10.11 -21.25 -4.01
CA TYR B 66 8.89 -21.86 -3.49
C TYR B 66 8.36 -23.09 -4.24
N TYR B 67 8.87 -23.41 -5.43
CA TYR B 67 8.25 -24.52 -6.17
C TYR B 67 8.64 -25.91 -5.68
N GLN B 68 9.88 -26.15 -5.27
CA GLN B 68 10.26 -27.46 -4.76
C GLN B 68 10.93 -27.32 -3.39
N ASP B 69 10.25 -26.65 -2.45
CA ASP B 69 10.75 -26.39 -1.09
C ASP B 69 11.02 -27.65 -0.26
N GLN B 70 12.23 -27.69 0.34
CA GLN B 70 12.73 -28.70 1.26
C GLN B 70 13.47 -27.85 2.30
N LEU B 71 12.69 -27.30 3.25
CA LEU B 71 13.16 -26.37 4.26
C LEU B 71 13.87 -27.01 5.43
N LEU B 72 15.07 -26.51 5.74
CA LEU B 72 15.94 -26.99 6.81
C LEU B 72 15.96 -26.11 8.05
N PRO B 73 15.78 -26.69 9.26
CA PRO B 73 15.87 -25.86 10.49
C PRO B 73 17.30 -25.47 10.83
N VAL B 74 17.41 -24.38 11.58
CA VAL B 74 18.66 -23.74 12.04
C VAL B 74 18.82 -23.94 13.57
N SER B 75 19.97 -24.42 14.01
CA SER B 75 20.18 -24.61 15.44
C SER B 75 20.88 -23.40 16.10
N ARG B 76 21.59 -22.57 15.32
CA ARG B 76 22.30 -21.42 15.86
C ARG B 76 22.46 -20.26 14.89
N ILE B 77 22.30 -19.01 15.39
CA ILE B 77 22.57 -17.78 14.65
C ILE B 77 23.70 -17.10 15.41
N ILE B 78 24.82 -16.86 14.73
CA ILE B 78 25.96 -16.17 15.30
C ILE B 78 26.20 -14.90 14.51
N VAL B 79 25.90 -13.76 15.12
CA VAL B 79 26.07 -12.44 14.52
C VAL B 79 27.35 -11.83 15.05
N HIS B 80 28.17 -11.20 14.18
CA HIS B 80 29.41 -10.57 14.60
C HIS B 80 29.17 -9.62 15.80
N PRO B 81 29.93 -9.74 16.91
CA PRO B 81 29.68 -8.88 18.09
C PRO B 81 29.79 -7.37 17.85
N GLN B 82 30.57 -6.95 16.85
CA GLN B 82 30.75 -5.54 16.55
C GLN B 82 29.63 -4.92 15.68
N PHE B 83 28.60 -5.70 15.33
CA PHE B 83 27.53 -5.25 14.46
C PHE B 83 26.37 -4.56 15.18
N TYR B 84 25.86 -3.48 14.57
CA TYR B 84 24.63 -2.79 14.94
C TYR B 84 23.89 -2.30 13.67
N THR B 85 24.59 -1.57 12.78
CA THR B 85 24.06 -1.12 11.47
C THR B 85 24.98 -1.53 10.34
N ALA B 86 24.40 -1.92 9.18
CA ALA B 86 25.11 -2.37 7.98
C ALA B 86 26.21 -1.42 7.48
N GLN B 87 25.91 -0.12 7.40
CA GLN B 87 26.83 0.91 6.92
C GLN B 87 28.05 1.10 7.79
N CYS B 88 27.97 0.72 9.06
CA CYS B 88 29.07 0.95 9.99
C CYS B 88 29.94 -0.28 10.24
N GLY B 89 29.83 -1.27 9.36
CA GLY B 89 30.64 -2.47 9.39
C GLY B 89 30.12 -3.64 10.20
N ALA B 90 30.91 -4.73 10.17
CA ALA B 90 30.71 -6.03 10.80
C ALA B 90 29.40 -6.69 10.37
N ASP B 91 28.93 -6.39 9.13
CA ASP B 91 27.69 -6.95 8.60
C ASP B 91 27.92 -8.37 8.08
N ILE B 92 28.09 -9.32 9.02
CA ILE B 92 28.36 -10.71 8.75
C ILE B 92 27.75 -11.59 9.85
N ALA B 93 27.21 -12.74 9.48
CA ALA B 93 26.56 -13.65 10.42
C ALA B 93 26.63 -15.03 9.85
N LEU B 94 26.59 -16.04 10.75
CA LEU B 94 26.66 -17.46 10.43
C LEU B 94 25.43 -18.16 10.95
N LEU B 95 24.94 -19.15 10.22
CA LEU B 95 23.80 -19.94 10.66
C LEU B 95 24.23 -21.39 10.66
N GLU B 96 24.08 -22.06 11.79
CA GLU B 96 24.40 -23.48 11.88
C GLU B 96 23.14 -24.29 11.61
N LEU B 97 23.23 -25.21 10.68
CA LEU B 97 22.09 -26.06 10.35
C LEU B 97 21.96 -27.17 11.37
N GLU B 98 20.72 -27.46 11.79
CA GLU B 98 20.40 -28.52 12.73
C GLU B 98 20.99 -29.89 12.28
N GLU B 99 21.02 -30.17 10.96
CA GLU B 99 21.54 -31.42 10.37
C GLU B 99 22.49 -31.09 9.22
N PRO B 100 23.59 -31.83 9.00
CA PRO B 100 24.49 -31.49 7.88
C PRO B 100 23.86 -31.83 6.54
N VAL B 101 24.38 -31.25 5.46
CA VAL B 101 23.78 -31.57 4.18
C VAL B 101 24.63 -32.57 3.40
N ASN B 102 23.96 -33.47 2.66
CA ASN B 102 24.60 -34.47 1.79
C ASN B 102 24.92 -33.70 0.53
N VAL B 103 26.18 -33.27 0.40
CA VAL B 103 26.62 -32.45 -0.73
C VAL B 103 26.72 -33.25 -2.03
N SER B 104 25.92 -32.84 -3.03
CA SER B 104 25.88 -33.43 -4.37
C SER B 104 26.66 -32.52 -5.35
N SER B 105 26.59 -32.80 -6.66
CA SER B 105 27.26 -31.96 -7.67
C SER B 105 26.39 -30.71 -7.95
N HIS B 106 25.07 -30.83 -7.72
CA HIS B 106 24.07 -29.78 -7.90
C HIS B 106 23.99 -28.85 -6.68
N VAL B 107 24.35 -29.36 -5.48
CA VAL B 107 24.34 -28.62 -4.22
C VAL B 107 25.62 -28.93 -3.40
N HIS B 108 26.56 -27.97 -3.35
CA HIS B 108 27.80 -28.09 -2.58
C HIS B 108 28.35 -26.72 -2.14
N THR B 109 29.34 -26.72 -1.27
CA THR B 109 29.93 -25.53 -0.66
C THR B 109 30.80 -24.68 -1.55
N VAL B 110 30.98 -23.41 -1.13
CA VAL B 110 31.83 -22.40 -1.78
C VAL B 110 33.14 -22.29 -0.96
N THR B 111 34.24 -22.00 -1.63
CA THR B 111 35.52 -21.89 -0.97
C THR B 111 35.73 -20.46 -0.52
N LEU B 112 36.17 -20.29 0.72
CA LEU B 112 36.50 -18.99 1.26
C LEU B 112 37.91 -18.65 0.77
N PRO B 113 38.24 -17.36 0.56
CA PRO B 113 39.55 -17.06 0.01
C PRO B 113 40.69 -17.14 1.02
N PRO B 114 41.97 -17.22 0.57
CA PRO B 114 43.08 -17.16 1.55
C PRO B 114 43.20 -15.70 2.04
N ALA B 115 43.58 -15.50 3.32
CA ALA B 115 43.72 -14.19 3.98
C ALA B 115 44.42 -13.08 3.16
N SER B 116 45.34 -13.48 2.28
CA SER B 116 46.14 -12.59 1.44
C SER B 116 45.42 -12.05 0.17
N GLU B 117 44.36 -12.74 -0.30
CA GLU B 117 43.64 -12.32 -1.53
C GLU B 117 42.95 -10.97 -1.36
N THR B 118 43.30 -10.01 -2.23
CA THR B 118 42.82 -8.62 -2.23
C THR B 118 41.65 -8.33 -3.18
N PHE B 119 41.48 -9.16 -4.24
CA PHE B 119 40.46 -9.01 -5.29
C PHE B 119 40.57 -7.65 -6.01
N PRO B 120 41.63 -7.46 -6.83
CA PRO B 120 41.83 -6.18 -7.51
C PRO B 120 40.82 -5.90 -8.64
N PRO B 121 40.61 -4.61 -9.03
CA PRO B 121 39.67 -4.33 -10.14
C PRO B 121 40.01 -5.08 -11.42
N GLY B 122 38.98 -5.42 -12.19
CA GLY B 122 39.13 -6.20 -13.41
C GLY B 122 39.04 -7.69 -13.16
N MET B 123 38.63 -8.05 -11.95
CA MET B 123 38.42 -9.44 -11.51
C MET B 123 37.02 -9.90 -12.02
N PRO B 124 36.88 -11.13 -12.58
CA PRO B 124 35.55 -11.57 -13.05
C PRO B 124 34.69 -12.04 -11.86
N CYS B 125 33.77 -11.16 -11.40
CA CYS B 125 32.93 -11.51 -10.25
C CYS B 125 31.46 -11.53 -10.56
N TRP B 126 30.75 -12.45 -9.91
CA TRP B 126 29.32 -12.61 -10.03
C TRP B 126 28.64 -12.48 -8.71
N VAL B 127 27.46 -11.90 -8.75
CA VAL B 127 26.56 -11.82 -7.62
C VAL B 127 25.25 -12.45 -8.07
N THR B 128 24.70 -13.32 -7.21
CA THR B 128 23.50 -14.11 -7.48
C THR B 128 22.47 -13.91 -6.39
N GLY B 129 21.20 -14.13 -6.72
CA GLY B 129 20.11 -14.00 -5.77
C GLY B 129 18.72 -13.92 -6.36
N TRP B 130 17.72 -13.74 -5.47
CA TRP B 130 16.30 -13.63 -5.82
C TRP B 130 15.74 -12.29 -5.31
N GLY B 131 16.60 -11.30 -5.21
CA GLY B 131 16.19 -9.97 -4.78
C GLY B 131 15.48 -9.19 -5.87
N ASP B 132 15.15 -7.93 -5.55
CA ASP B 132 14.45 -7.00 -6.44
C ASP B 132 15.16 -6.83 -7.77
N VAL B 133 14.41 -6.75 -8.87
CA VAL B 133 14.99 -6.61 -10.21
C VAL B 133 15.34 -5.14 -10.53
N ASP B 134 14.76 -4.22 -9.76
CA ASP B 134 14.95 -2.77 -9.84
C ASP B 134 14.43 -2.13 -8.55
N ASN B 135 14.61 -0.80 -8.39
CA ASN B 135 14.16 -0.04 -7.22
C ASN B 135 12.64 -0.17 -7.08
N ASP B 136 12.19 -0.74 -5.94
CA ASP B 136 10.79 -0.99 -5.56
C ASP B 136 10.05 -1.89 -6.56
N GLU B 137 10.77 -2.81 -7.22
CA GLU B 137 10.24 -3.75 -8.20
C GLU B 137 10.66 -5.18 -7.81
N ARG B 138 9.72 -5.95 -7.26
CA ARG B 138 9.97 -7.32 -6.81
C ARG B 138 10.27 -8.26 -8.00
N LEU B 139 11.01 -9.36 -7.72
CA LEU B 139 11.29 -10.38 -8.72
C LEU B 139 9.92 -11.06 -9.00
N PRO B 140 9.41 -11.07 -10.25
CA PRO B 140 8.12 -11.63 -10.64
C PRO B 140 8.14 -13.16 -10.62
N PRO B 141 7.00 -13.84 -10.36
CA PRO B 141 6.83 -15.30 -10.44
C PRO B 141 7.25 -15.77 -11.84
N PRO B 142 7.87 -16.96 -12.05
CA PRO B 142 8.11 -18.05 -11.09
C PRO B 142 9.38 -17.88 -10.22
N PHE B 143 9.86 -16.65 -10.03
CA PHE B 143 11.01 -16.31 -9.18
C PHE B 143 12.29 -17.06 -9.53
N PRO B 144 12.84 -16.84 -10.74
CA PRO B 144 14.09 -17.55 -11.10
C PRO B 144 15.32 -16.98 -10.40
N LEU B 145 16.32 -17.82 -10.14
CA LEU B 145 17.57 -17.35 -9.56
C LEU B 145 18.28 -16.55 -10.64
N LYS B 146 18.63 -15.30 -10.34
CA LYS B 146 19.32 -14.41 -11.27
C LYS B 146 20.80 -14.31 -10.94
N GLN B 147 21.61 -13.95 -11.94
CA GLN B 147 23.07 -13.78 -11.85
C GLN B 147 23.49 -12.55 -12.64
N VAL B 148 24.51 -11.84 -12.17
CA VAL B 148 25.05 -10.69 -12.88
C VAL B 148 26.56 -10.61 -12.66
N LYS B 149 27.32 -10.36 -13.74
CA LYS B 149 28.77 -10.14 -13.68
C LYS B 149 28.96 -8.69 -13.26
N VAL B 150 29.68 -8.47 -12.16
CA VAL B 150 29.86 -7.12 -11.64
C VAL B 150 31.32 -6.66 -11.64
N PRO B 151 31.59 -5.43 -12.11
CA PRO B 151 32.98 -4.93 -12.09
C PRO B 151 33.45 -4.52 -10.69
N ILE B 152 34.58 -5.10 -10.21
CA ILE B 152 35.18 -4.74 -8.92
C ILE B 152 35.80 -3.37 -9.01
N MET B 153 35.66 -2.59 -7.94
CA MET B 153 36.18 -1.24 -7.83
C MET B 153 37.12 -1.17 -6.62
N GLU B 154 38.21 -0.41 -6.75
CA GLU B 154 39.19 -0.15 -5.70
C GLU B 154 38.45 0.65 -4.60
N ASN B 155 38.69 0.33 -3.32
CA ASN B 155 38.00 0.99 -2.19
C ASN B 155 38.09 2.51 -2.15
N HIS B 156 39.22 3.09 -2.59
CA HIS B 156 39.47 4.52 -2.59
C HIS B 156 38.67 5.22 -3.66
N ILE B 157 38.53 4.58 -4.83
CA ILE B 157 37.73 5.08 -5.94
C ILE B 157 36.25 5.10 -5.51
N CYS B 158 35.81 3.98 -4.92
CA CYS B 158 34.47 3.76 -4.42
C CYS B 158 34.10 4.68 -3.26
N ASP B 159 35.03 4.92 -2.33
CA ASP B 159 34.83 5.85 -1.23
C ASP B 159 34.68 7.27 -1.78
N ALA B 160 35.44 7.61 -2.86
CA ALA B 160 35.36 8.91 -3.53
C ALA B 160 34.01 9.09 -4.23
N LYS B 161 33.51 8.02 -4.87
CA LYS B 161 32.22 8.04 -5.58
C LYS B 161 31.06 8.27 -4.61
N TYR B 162 31.14 7.65 -3.43
CA TYR B 162 30.16 7.81 -2.36
C TYR B 162 30.17 9.20 -1.76
N HIS B 163 31.26 9.98 -1.98
CA HIS B 163 31.33 11.35 -1.49
C HIS B 163 30.73 12.35 -2.48
N LEU B 164 30.57 11.94 -3.76
CA LEU B 164 29.97 12.79 -4.79
C LEU B 164 28.50 12.91 -4.57
N GLY B 165 28.01 14.13 -4.41
CA GLY B 165 26.60 14.39 -4.17
C GLY B 165 26.18 14.02 -2.76
N ALA B 166 27.13 14.10 -1.81
CA ALA B 166 26.96 13.80 -0.39
C ALA B 166 27.58 14.92 0.42
N TYR B 167 26.99 15.20 1.57
CA TYR B 167 27.45 16.25 2.48
C TYR B 167 28.64 15.81 3.36
N THR B 168 28.93 14.49 3.41
CA THR B 168 30.01 13.91 4.23
C THR B 168 31.37 14.47 3.83
N GLY B 169 32.16 14.85 4.84
CA GLY B 169 33.52 15.35 4.64
C GLY B 169 34.37 14.36 3.88
N ASP B 170 35.21 14.84 2.94
CA ASP B 170 36.08 14.01 2.10
C ASP B 170 37.08 13.15 2.91
N ASP B 171 37.47 13.65 4.09
CA ASP B 171 38.39 13.01 5.04
C ASP B 171 37.70 11.91 5.89
N VAL B 172 36.35 11.83 5.83
CA VAL B 172 35.54 10.86 6.55
C VAL B 172 35.31 9.64 5.65
N ARG B 173 35.71 8.44 6.09
CA ARG B 173 35.54 7.22 5.31
C ARG B 173 34.11 6.67 5.38
N ILE B 174 33.52 6.41 4.19
CA ILE B 174 32.19 5.82 4.01
C ILE B 174 32.43 4.33 3.77
N VAL B 175 33.33 4.00 2.82
CA VAL B 175 33.72 2.63 2.49
C VAL B 175 34.95 2.26 3.33
N ARG B 176 34.75 1.41 4.36
CA ARG B 176 35.78 0.97 5.30
C ARG B 176 36.58 -0.24 4.80
N ASP B 177 37.64 -0.64 5.51
CA ASP B 177 38.55 -1.72 5.08
C ASP B 177 37.92 -3.11 5.10
N ASP B 178 36.88 -3.29 5.91
CA ASP B 178 36.14 -4.54 6.00
C ASP B 178 35.08 -4.61 4.88
N MET B 179 35.14 -3.70 3.90
CA MET B 179 34.18 -3.59 2.80
C MET B 179 34.82 -3.73 1.43
N LEU B 180 34.00 -4.06 0.43
CA LEU B 180 34.37 -4.27 -0.96
C LEU B 180 33.31 -3.61 -1.86
N CYS B 181 33.71 -3.08 -3.02
CA CYS B 181 32.81 -2.41 -3.99
C CYS B 181 32.72 -3.10 -5.31
N ALA B 182 31.51 -3.18 -5.85
CA ALA B 182 31.25 -3.80 -7.14
C ALA B 182 29.95 -3.29 -7.77
N GLY B 183 29.88 -3.36 -9.10
CA GLY B 183 28.70 -2.97 -9.86
C GLY B 183 28.74 -1.57 -10.47
N ASN B 184 27.77 -1.30 -11.34
CA ASN B 184 27.57 -0.03 -12.02
C ASN B 184 26.06 0.28 -12.12
N THR B 185 25.65 1.12 -13.09
CA THR B 185 24.26 1.54 -13.32
C THR B 185 23.41 0.50 -14.04
N ARG B 186 24.04 -0.51 -14.66
CA ARG B 186 23.34 -1.58 -15.38
C ARG B 186 23.36 -2.88 -14.56
N ARG B 187 24.41 -3.08 -13.75
CA ARG B 187 24.68 -4.29 -12.98
C ARG B 187 24.83 -4.01 -11.47
N ASP B 188 23.98 -4.64 -10.64
CA ASP B 188 24.00 -4.52 -9.16
C ASP B 188 23.12 -5.57 -8.45
N SER B 189 23.31 -5.69 -7.13
CA SER B 189 22.47 -6.50 -6.26
C SER B 189 21.38 -5.53 -5.73
N CYS B 190 20.31 -6.03 -5.12
CA CYS B 190 19.23 -5.19 -4.63
C CYS B 190 18.69 -5.72 -3.28
N GLN B 191 17.53 -5.18 -2.81
CA GLN B 191 16.87 -5.64 -1.57
C GLN B 191 16.43 -7.09 -1.76
N GLY B 192 16.70 -7.94 -0.76
CA GLY B 192 16.40 -9.37 -0.81
C GLY B 192 17.55 -10.19 -1.32
N ASP B 193 18.65 -9.52 -1.76
CA ASP B 193 19.88 -10.15 -2.24
C ASP B 193 20.92 -10.19 -1.14
N SER B 194 20.69 -9.47 -0.02
CA SER B 194 21.57 -9.41 1.14
C SER B 194 21.93 -10.74 1.67
N GLY B 195 23.19 -10.86 2.10
CA GLY B 195 23.71 -12.12 2.60
C GLY B 195 24.21 -13.00 1.48
N GLY B 196 23.72 -12.71 0.26
CA GLY B 196 24.08 -13.40 -0.97
C GLY B 196 25.55 -13.27 -1.32
N PRO B 197 26.12 -14.30 -1.97
CA PRO B 197 27.57 -14.27 -2.24
C PRO B 197 28.02 -13.52 -3.47
N LEU B 198 29.18 -12.85 -3.35
CA LEU B 198 29.94 -12.22 -4.43
C LEU B 198 31.11 -13.18 -4.63
N VAL B 199 31.08 -13.94 -5.74
CA VAL B 199 32.10 -14.94 -6.05
C VAL B 199 32.99 -14.53 -7.21
N CYS B 200 34.29 -14.84 -7.13
CA CYS B 200 35.28 -14.53 -8.17
C CYS B 200 36.06 -15.77 -8.49
N LYS B 201 36.36 -15.97 -9.77
CA LYS B 201 37.15 -17.12 -10.20
C LYS B 201 38.60 -16.72 -10.16
N VAL B 202 39.35 -17.32 -9.22
CA VAL B 202 40.77 -17.05 -9.01
C VAL B 202 41.53 -18.37 -9.10
N ASN B 203 42.50 -18.45 -10.05
CA ASN B 203 43.34 -19.65 -10.27
C ASN B 203 42.47 -20.92 -10.51
N GLY B 204 41.40 -20.76 -11.30
CA GLY B 204 40.48 -21.85 -11.62
C GLY B 204 39.60 -22.32 -10.48
N THR B 205 39.49 -21.53 -9.42
CA THR B 205 38.65 -21.84 -8.25
C THR B 205 37.66 -20.71 -7.98
N TRP B 206 36.45 -21.08 -7.52
CA TRP B 206 35.42 -20.12 -7.16
C TRP B 206 35.56 -19.79 -5.69
N LEU B 207 35.96 -18.54 -5.42
CA LEU B 207 36.17 -18.00 -4.07
C LEU B 207 35.14 -16.97 -3.69
N GLN B 208 34.61 -17.03 -2.47
CA GLN B 208 33.67 -16.00 -2.04
C GLN B 208 34.41 -14.77 -1.56
N ALA B 209 34.39 -13.71 -2.38
CA ALA B 209 35.02 -12.43 -2.07
C ALA B 209 34.22 -11.61 -1.06
N GLY B 210 32.89 -11.56 -1.23
CA GLY B 210 32.05 -10.75 -0.36
C GLY B 210 30.66 -11.27 -0.11
N VAL B 211 29.94 -10.57 0.76
CA VAL B 211 28.57 -10.83 1.20
C VAL B 211 27.77 -9.54 0.90
N VAL B 212 26.65 -9.62 0.14
CA VAL B 212 25.80 -8.45 -0.17
C VAL B 212 25.42 -7.77 1.15
N SER B 213 25.77 -6.48 1.29
CA SER B 213 25.55 -5.74 2.52
C SER B 213 24.66 -4.49 2.35
N TRP B 214 25.11 -3.47 1.62
CA TRP B 214 24.34 -2.25 1.48
C TRP B 214 24.70 -1.43 0.23
N GLY B 215 23.99 -0.32 0.03
CA GLY B 215 24.17 0.66 -1.03
C GLY B 215 23.09 1.72 -0.98
N GLU B 216 23.24 2.83 -1.73
CA GLU B 216 22.23 3.88 -1.82
C GLU B 216 21.46 3.52 -3.08
N GLY B 217 20.25 2.99 -2.89
CA GLY B 217 19.42 2.52 -3.99
C GLY B 217 20.05 1.36 -4.74
N CYS B 218 19.49 1.00 -5.89
CA CYS B 218 19.99 -0.09 -6.72
C CYS B 218 20.40 0.46 -8.07
N ALA B 219 21.66 0.20 -8.45
CA ALA B 219 22.29 0.62 -9.70
C ALA B 219 22.14 2.13 -9.99
N GLN B 220 22.29 2.95 -8.94
CA GLN B 220 22.23 4.42 -8.98
C GLN B 220 23.62 4.94 -9.41
N PRO B 221 23.72 6.08 -10.14
CA PRO B 221 25.05 6.58 -10.53
C PRO B 221 25.89 6.98 -9.32
N ASN B 222 27.17 6.56 -9.34
CA ASN B 222 28.18 6.83 -8.31
C ASN B 222 27.87 6.18 -6.95
N ARG B 223 27.09 5.11 -6.97
CA ARG B 223 26.69 4.38 -5.77
C ARG B 223 26.82 2.89 -6.04
N PRO B 224 28.05 2.34 -6.21
CA PRO B 224 28.17 0.89 -6.42
C PRO B 224 27.80 0.12 -5.14
N GLY B 225 27.48 -1.16 -5.30
CA GLY B 225 27.11 -1.98 -4.17
C GLY B 225 28.28 -2.23 -3.24
N ILE B 226 28.02 -2.14 -1.92
CA ILE B 226 29.01 -2.40 -0.87
C ILE B 226 28.78 -3.79 -0.27
N TYR B 227 29.83 -4.60 -0.25
CA TYR B 227 29.84 -5.98 0.23
C TYR B 227 30.77 -6.05 1.43
N THR B 228 30.52 -7.00 2.34
CA THR B 228 31.39 -7.25 3.47
C THR B 228 32.56 -8.05 2.90
N ARG B 229 33.78 -7.64 3.20
CA ARG B 229 35.01 -8.32 2.74
C ARG B 229 35.24 -9.56 3.59
N VAL B 230 35.05 -10.74 2.99
CA VAL B 230 35.19 -12.02 3.67
C VAL B 230 36.61 -12.20 4.27
N THR B 231 37.70 -11.85 3.53
CA THR B 231 39.09 -11.98 4.06
C THR B 231 39.29 -11.32 5.42
N TYR B 232 38.69 -10.15 5.62
CA TYR B 232 38.75 -9.39 6.85
C TYR B 232 38.18 -10.18 8.07
N TYR B 233 37.20 -11.09 7.82
CA TYR B 233 36.53 -11.83 8.89
C TYR B 233 36.84 -13.34 8.93
N LEU B 234 37.88 -13.79 8.23
CA LEU B 234 38.27 -15.21 8.24
C LEU B 234 38.55 -15.76 9.60
N ASP B 235 39.29 -15.01 10.44
CA ASP B 235 39.61 -15.47 11.79
C ASP B 235 38.35 -15.67 12.61
N TRP B 236 37.37 -14.74 12.50
CA TRP B 236 36.09 -14.84 13.20
C TRP B 236 35.27 -16.04 12.66
N ILE B 237 35.26 -16.23 11.33
CA ILE B 237 34.55 -17.32 10.67
C ILE B 237 35.13 -18.64 11.15
N HIS B 238 36.47 -18.79 11.11
CA HIS B 238 37.18 -20.01 11.49
C HIS B 238 37.17 -20.31 12.99
N HIS B 239 36.67 -19.39 13.80
CA HIS B 239 36.50 -19.65 15.23
C HIS B 239 35.28 -20.57 15.42
N TYR B 240 34.37 -20.63 14.42
CA TYR B 240 33.16 -21.44 14.47
C TYR B 240 33.10 -22.50 13.39
N VAL B 241 33.61 -22.16 12.20
CA VAL B 241 33.57 -23.00 11.01
C VAL B 241 34.90 -23.72 10.76
N PRO B 242 34.88 -25.06 10.66
CA PRO B 242 36.12 -25.84 10.41
C PRO B 242 36.84 -25.47 9.11
N LYS B 243 38.19 -25.41 9.19
CA LYS B 243 39.09 -25.04 8.09
C LYS B 243 39.27 -26.16 7.02
N LYS B 244 39.88 -27.32 7.41
CA LYS B 244 40.14 -28.49 6.54
C LYS B 244 41.05 -28.19 5.33
N ILE C 1 4.64 11.96 17.97
CA ILE C 1 4.68 11.96 19.43
C ILE C 1 3.76 10.87 20.01
N VAL C 2 4.38 9.88 20.68
CA VAL C 2 3.68 8.77 21.34
C VAL C 2 3.42 9.23 22.81
N GLY C 3 2.15 9.31 23.18
CA GLY C 3 1.73 9.78 24.49
C GLY C 3 1.46 11.26 24.46
N GLY C 4 1.46 11.89 25.62
CA GLY C 4 1.24 13.32 25.73
C GLY C 4 -0.09 13.85 25.24
N GLN C 5 -0.12 15.13 24.90
CA GLN C 5 -1.32 15.87 24.53
C GLN C 5 -1.04 17.00 23.55
N GLU C 6 -2.09 17.68 23.08
CA GLU C 6 -1.99 18.82 22.19
C GLU C 6 -1.37 19.97 22.97
N ALA C 7 -0.41 20.66 22.35
CA ALA C 7 0.30 21.78 22.98
C ALA C 7 -0.52 23.07 22.93
N PRO C 8 -0.53 23.90 24.01
CA PRO C 8 -1.26 25.18 23.95
C PRO C 8 -0.54 26.16 23.01
N ARG C 9 -1.25 27.13 22.42
CA ARG C 9 -0.74 28.12 21.46
C ARG C 9 0.43 28.96 21.96
N SER C 10 0.54 29.13 23.29
CA SER C 10 1.57 29.91 23.96
C SER C 10 2.93 29.20 24.02
N LYS C 11 2.92 27.88 24.22
CA LYS C 11 4.12 27.06 24.38
C LYS C 11 4.84 26.71 23.05
N TRP C 12 6.16 26.47 23.16
CA TRP C 12 7.11 26.07 22.12
C TRP C 12 7.17 27.02 20.90
N PRO C 13 7.54 28.31 21.06
CA PRO C 13 7.58 29.23 19.90
C PRO C 13 8.66 28.96 18.84
N TRP C 14 9.68 28.17 19.22
CA TRP C 14 10.83 27.82 18.39
C TRP C 14 10.61 26.59 17.50
N GLN C 15 9.48 25.90 17.65
CA GLN C 15 9.15 24.69 16.88
C GLN C 15 8.95 25.03 15.41
N VAL C 16 9.55 24.24 14.53
CA VAL C 16 9.43 24.43 13.08
C VAL C 16 9.12 23.10 12.37
N SER C 17 8.47 23.21 11.21
CA SER C 17 8.11 22.07 10.37
C SER C 17 8.87 22.22 9.05
N LEU C 18 9.60 21.16 8.62
CA LEU C 18 10.29 21.15 7.35
C LEU C 18 9.38 20.52 6.29
N ARG C 19 9.26 21.18 5.12
CA ARG C 19 8.38 20.76 4.05
C ARG C 19 9.10 20.37 2.80
N VAL C 20 8.65 19.29 2.19
CA VAL C 20 9.19 18.80 0.93
C VAL C 20 8.12 18.93 -0.16
N HIS C 21 8.51 19.38 -1.35
CA HIS C 21 7.61 19.56 -2.47
C HIS C 21 7.20 18.23 -3.10
N GLY C 22 5.91 18.12 -3.36
CA GLY C 22 5.29 16.97 -4.02
C GLY C 22 3.92 17.37 -4.50
N PRO C 23 2.87 16.55 -4.21
CA PRO C 23 1.48 16.96 -4.57
C PRO C 23 1.03 18.13 -3.67
N TYR C 24 1.79 18.36 -2.58
CA TYR C 24 1.66 19.44 -1.60
C TYR C 24 2.99 19.53 -0.81
N TRP C 25 3.18 20.66 -0.07
CA TRP C 25 4.34 20.91 0.77
C TRP C 25 4.17 20.11 2.05
N MET C 26 4.61 18.88 1.99
CA MET C 26 4.46 17.88 3.02
C MET C 26 5.49 17.97 4.13
N HIS C 27 5.01 17.81 5.37
CA HIS C 27 5.85 17.77 6.56
C HIS C 27 6.61 16.47 6.56
N PHE C 28 7.91 16.53 6.78
CA PHE C 28 8.72 15.31 6.88
C PHE C 28 9.60 15.31 8.13
N CYS C 29 9.94 16.49 8.65
CA CYS C 29 10.81 16.65 9.81
C CYS C 29 10.45 17.85 10.60
N GLY C 30 10.94 17.87 11.83
CA GLY C 30 10.84 18.98 12.75
C GLY C 30 12.16 19.71 12.79
N GLY C 31 12.20 20.76 13.59
CA GLY C 31 13.38 21.59 13.75
C GLY C 31 13.14 22.67 14.77
N SER C 32 14.19 23.36 15.14
CA SER C 32 14.05 24.44 16.11
C SER C 32 14.73 25.67 15.57
N LEU C 33 14.12 26.81 15.82
CA LEU C 33 14.68 28.10 15.43
C LEU C 33 15.65 28.49 16.54
N ILE C 34 16.95 28.48 16.22
CA ILE C 34 18.02 28.76 17.20
C ILE C 34 18.58 30.17 17.06
N HIS C 35 18.27 30.82 15.94
CA HIS C 35 18.70 32.17 15.55
C HIS C 35 17.71 32.63 14.48
N PRO C 36 17.39 33.96 14.35
CA PRO C 36 16.42 34.40 13.34
C PRO C 36 16.61 33.94 11.88
N GLN C 37 17.79 33.45 11.52
CA GLN C 37 18.06 32.98 10.16
C GLN C 37 18.56 31.50 10.15
N TRP C 38 18.51 30.83 11.31
CA TRP C 38 19.02 29.47 11.45
C TRP C 38 18.09 28.52 12.15
N VAL C 39 17.90 27.36 11.50
CA VAL C 39 17.11 26.25 12.00
C VAL C 39 18.05 25.09 12.29
N LEU C 40 17.95 24.52 13.51
CA LEU C 40 18.69 23.33 13.92
C LEU C 40 17.76 22.11 13.72
N THR C 41 18.24 21.12 12.99
CA THR C 41 17.48 19.89 12.72
C THR C 41 18.43 18.66 12.79
N ALA C 42 17.94 17.49 12.37
CA ALA C 42 18.71 16.26 12.33
C ALA C 42 19.23 16.09 10.90
N ALA C 43 20.45 15.60 10.78
CA ALA C 43 21.10 15.36 9.51
C ALA C 43 20.39 14.32 8.66
N HIS C 44 19.79 13.27 9.26
CA HIS C 44 19.14 12.17 8.52
C HIS C 44 17.89 12.60 7.76
N CYS C 45 17.39 13.81 8.06
CA CYS C 45 16.25 14.48 7.46
C CYS C 45 16.61 14.95 6.07
N VAL C 46 17.82 15.51 5.94
CA VAL C 46 18.31 16.19 4.74
C VAL C 46 19.52 15.53 4.04
N GLY C 47 20.17 14.58 4.70
CA GLY C 47 21.34 13.86 4.21
C GLY C 47 21.28 12.36 4.35
N PRO C 48 22.40 11.62 4.08
CA PRO C 48 23.72 12.13 3.67
C PRO C 48 23.80 12.69 2.23
N ASP C 49 22.90 12.27 1.32
CA ASP C 49 22.82 12.66 -0.08
C ASP C 49 22.17 14.03 -0.24
N VAL C 50 22.73 14.85 -1.11
CA VAL C 50 22.30 16.22 -1.44
C VAL C 50 20.96 16.23 -2.15
N LYS C 51 20.05 17.06 -1.68
CA LYS C 51 18.68 17.29 -2.18
C LYS C 51 18.65 18.69 -2.79
N ASP C 52 17.63 19.00 -3.61
CA ASP C 52 17.37 20.30 -4.25
C ASP C 52 16.76 21.24 -3.20
N LEU C 53 17.42 22.38 -2.95
CA LEU C 53 16.99 23.41 -1.99
C LEU C 53 15.65 24.03 -2.40
N ALA C 54 15.34 24.00 -3.71
CA ALA C 54 14.10 24.52 -4.29
C ALA C 54 12.88 23.72 -3.81
N ALA C 55 13.06 22.40 -3.58
CA ALA C 55 12.01 21.51 -3.12
C ALA C 55 11.87 21.48 -1.59
N LEU C 56 12.48 22.45 -0.88
CA LEU C 56 12.46 22.51 0.57
C LEU C 56 12.03 23.87 1.07
N ARG C 57 11.05 23.89 1.99
CA ARG C 57 10.54 25.10 2.65
C ARG C 57 10.48 24.85 4.16
N VAL C 58 10.40 25.93 4.93
CA VAL C 58 10.34 25.93 6.38
C VAL C 58 9.06 26.64 6.83
N GLN C 59 8.38 26.04 7.78
CA GLN C 59 7.17 26.60 8.34
C GLN C 59 7.42 26.80 9.83
N LEU C 60 7.22 28.03 10.30
CA LEU C 60 7.42 28.36 11.69
C LEU C 60 6.21 27.94 12.48
N ARG C 61 6.35 27.94 13.80
CA ARG C 61 5.33 27.54 14.76
C ARG C 61 3.89 27.81 14.27
N GLU C 62 3.11 26.73 14.19
CA GLU C 62 1.71 26.73 13.84
C GLU C 62 1.04 25.64 14.65
N GLN C 63 -0.18 25.91 15.11
CA GLN C 63 -0.91 24.98 15.98
C GLN C 63 -1.34 23.71 15.26
N HIS C 64 -1.84 23.86 14.02
CA HIS C 64 -2.35 22.77 13.20
C HIS C 64 -1.63 22.82 11.88
N LEU C 65 -0.98 21.72 11.48
CA LEU C 65 -0.26 21.65 10.21
C LEU C 65 -1.15 21.97 9.03
N TYR C 66 -0.60 22.68 8.04
CA TYR C 66 -1.18 23.04 6.74
C TYR C 66 -2.32 24.09 6.78
N TYR C 67 -2.90 24.39 7.94
CA TYR C 67 -4.01 25.36 8.07
C TYR C 67 -3.63 26.75 7.59
N GLN C 68 -2.64 27.38 8.23
CA GLN C 68 -2.25 28.74 7.86
C GLN C 68 -0.80 28.82 7.45
N ASP C 69 -0.44 28.08 6.40
CA ASP C 69 0.92 28.00 5.86
C ASP C 69 1.45 29.32 5.32
N GLN C 70 2.66 29.68 5.78
CA GLN C 70 3.46 30.83 5.39
C GLN C 70 4.87 30.24 5.29
N LEU C 71 5.13 29.60 4.14
CA LEU C 71 6.37 28.87 3.87
C LEU C 71 7.55 29.73 3.46
N LEU C 72 8.68 29.51 4.14
CA LEU C 72 9.94 30.25 3.96
C LEU C 72 11.01 29.47 3.21
N PRO C 73 11.65 30.06 2.17
CA PRO C 73 12.72 29.35 1.48
C PRO C 73 14.02 29.28 2.30
N VAL C 74 14.85 28.29 1.95
CA VAL C 74 16.13 27.94 2.56
C VAL C 74 17.27 28.23 1.57
N SER C 75 18.31 28.92 2.03
CA SER C 75 19.45 29.29 1.20
C SER C 75 20.60 28.28 1.29
N ARG C 76 20.69 27.56 2.43
CA ARG C 76 21.79 26.63 2.65
C ARG C 76 21.44 25.55 3.65
N ILE C 77 21.91 24.32 3.35
CA ILE C 77 21.81 23.16 4.24
C ILE C 77 23.25 22.81 4.59
N ILE C 78 23.57 22.82 5.89
CA ILE C 78 24.90 22.45 6.38
C ILE C 78 24.73 21.20 7.24
N VAL C 79 25.20 20.07 6.73
CA VAL C 79 25.13 18.79 7.44
C VAL C 79 26.50 18.52 8.06
N HIS C 80 26.55 18.04 9.32
CA HIS C 80 27.81 17.71 9.98
C HIS C 80 28.69 16.80 9.09
N PRO C 81 29.98 17.17 8.86
CA PRO C 81 30.83 16.36 7.96
C PRO C 81 31.05 14.92 8.38
N GLN C 82 30.91 14.61 9.66
CA GLN C 82 31.11 13.27 10.18
C GLN C 82 29.86 12.34 10.05
N PHE C 83 28.78 12.84 9.44
CA PHE C 83 27.53 12.10 9.31
C PHE C 83 27.42 11.23 8.08
N TYR C 84 26.88 10.02 8.26
CA TYR C 84 26.46 9.12 7.18
C TYR C 84 25.17 8.40 7.59
N THR C 85 25.14 7.76 8.78
CA THR C 85 23.93 7.12 9.35
C THR C 85 23.62 7.65 10.76
N ALA C 86 22.34 7.80 11.10
CA ALA C 86 21.84 8.32 12.38
C ALA C 86 22.41 7.59 13.61
N GLN C 87 22.43 6.25 13.58
CA GLN C 87 22.91 5.39 14.68
C GLN C 87 24.38 5.54 14.97
N CYS C 88 25.17 6.01 14.00
CA CYS C 88 26.61 6.09 14.16
C CYS C 88 27.11 7.51 14.48
N GLY C 89 26.18 8.36 14.91
CA GLY C 89 26.48 9.72 15.35
C GLY C 89 26.49 10.79 14.30
N ALA C 90 26.77 12.04 14.77
CA ALA C 90 26.83 13.31 14.03
C ALA C 90 25.53 13.64 13.33
N ASP C 91 24.40 13.17 13.88
CA ASP C 91 23.08 13.40 13.30
C ASP C 91 22.57 14.80 13.66
N ILE C 92 23.18 15.80 13.03
CA ILE C 92 22.87 17.21 13.27
C ILE C 92 23.05 18.02 11.97
N ALA C 93 22.17 19.01 11.74
CA ALA C 93 22.21 19.84 10.53
C ALA C 93 21.64 21.22 10.79
N LEU C 94 22.10 22.20 9.99
CA LEU C 94 21.64 23.57 10.10
C LEU C 94 21.03 23.99 8.80
N LEU C 95 19.98 24.78 8.87
CA LEU C 95 19.39 25.28 7.66
C LEU C 95 19.38 26.76 7.82
N GLU C 96 19.90 27.45 6.83
CA GLU C 96 19.97 28.91 6.78
C GLU C 96 18.81 29.37 5.94
N LEU C 97 17.99 30.26 6.48
CA LEU C 97 16.87 30.80 5.74
C LEU C 97 17.35 31.86 4.72
N GLU C 98 16.54 32.11 3.66
CA GLU C 98 16.84 33.13 2.64
C GLU C 98 16.98 34.52 3.32
N GLU C 99 16.02 34.84 4.22
CA GLU C 99 15.93 36.09 4.99
C GLU C 99 15.73 35.81 6.50
N PRO C 100 16.15 36.70 7.44
CA PRO C 100 15.85 36.44 8.88
C PRO C 100 14.40 36.72 9.24
N VAL C 101 13.91 36.13 10.32
CA VAL C 101 12.51 36.28 10.73
C VAL C 101 12.34 37.38 11.78
N ASN C 102 11.19 38.08 11.74
CA ASN C 102 10.84 39.11 12.71
C ASN C 102 10.26 38.33 13.89
N VAL C 103 11.08 38.14 14.92
CA VAL C 103 10.71 37.34 16.09
C VAL C 103 9.68 38.07 16.98
N SER C 104 8.51 37.43 17.14
CA SER C 104 7.42 37.92 17.98
C SER C 104 7.41 37.15 19.31
N SER C 105 6.37 37.34 20.14
CA SER C 105 6.25 36.62 21.41
C SER C 105 5.71 35.19 21.15
N HIS C 106 4.96 35.05 20.05
CA HIS C 106 4.36 33.79 19.60
C HIS C 106 5.36 32.92 18.82
N VAL C 107 6.36 33.56 18.16
CA VAL C 107 7.40 32.90 17.37
C VAL C 107 8.78 33.53 17.67
N HIS C 108 9.63 32.80 18.41
CA HIS C 108 10.99 33.23 18.74
C HIS C 108 11.93 32.05 18.99
N THR C 109 13.22 32.32 19.12
CA THR C 109 14.29 31.33 19.23
C THR C 109 14.39 30.62 20.60
N VAL C 110 15.05 29.46 20.59
CA VAL C 110 15.33 28.62 21.76
C VAL C 110 16.79 28.85 22.15
N THR C 111 17.08 28.73 23.45
CA THR C 111 18.44 28.93 23.92
C THR C 111 19.19 27.60 23.90
N LEU C 112 20.42 27.63 23.37
CA LEU C 112 21.29 26.46 23.37
C LEU C 112 21.94 26.38 24.75
N PRO C 113 22.26 25.18 25.26
CA PRO C 113 22.81 25.11 26.62
C PRO C 113 24.29 25.48 26.72
N PRO C 114 24.81 25.83 27.92
CA PRO C 114 26.26 26.03 28.03
C PRO C 114 26.98 24.67 27.96
N ALA C 115 28.18 24.63 27.36
CA ALA C 115 29.00 23.42 27.16
C ALA C 115 29.07 22.44 28.35
N SER C 116 28.99 22.96 29.57
CA SER C 116 29.08 22.20 30.82
C SER C 116 27.79 21.46 31.24
N GLU C 117 26.61 21.88 30.74
CA GLU C 117 25.33 21.25 31.12
C GLU C 117 25.24 19.80 30.64
N THR C 118 25.04 18.87 31.60
CA THR C 118 25.00 17.41 31.39
C THR C 118 23.59 16.82 31.23
N PHE C 119 22.56 17.51 31.77
CA PHE C 119 21.15 17.07 31.78
C PHE C 119 20.99 15.69 32.47
N PRO C 120 21.15 15.67 33.82
CA PRO C 120 21.08 14.40 34.56
C PRO C 120 19.66 13.81 34.64
N PRO C 121 19.51 12.48 34.90
CA PRO C 121 18.15 11.90 35.02
C PRO C 121 17.30 12.61 36.07
N GLY C 122 16.00 12.66 35.83
CA GLY C 122 15.06 13.35 36.71
C GLY C 122 14.87 14.80 36.31
N MET C 123 15.40 15.16 35.14
CA MET C 123 15.30 16.51 34.57
C MET C 123 13.90 16.63 33.89
N PRO C 124 13.15 17.76 34.06
CA PRO C 124 11.85 17.88 33.39
C PRO C 124 12.03 18.25 31.90
N CYS C 125 11.93 17.25 31.01
CA CYS C 125 12.14 17.50 29.58
C CYS C 125 10.94 17.18 28.74
N TRP C 126 10.75 18.00 27.69
CA TRP C 126 9.68 17.85 26.74
C TRP C 126 10.21 17.68 25.35
N VAL C 127 9.50 16.85 24.59
CA VAL C 127 9.72 16.67 23.18
C VAL C 127 8.40 17.00 22.50
N THR C 128 8.49 17.81 21.43
CA THR C 128 7.34 18.31 20.67
C THR C 128 7.47 17.98 19.20
N GLY C 129 6.34 17.89 18.51
CA GLY C 129 6.32 17.60 17.09
C GLY C 129 4.99 17.20 16.52
N TRP C 130 4.98 16.90 15.21
CA TRP C 130 3.80 16.44 14.48
C TRP C 130 4.06 15.05 13.87
N GLY C 131 4.91 14.27 14.52
CA GLY C 131 5.22 12.93 14.05
C GLY C 131 4.12 11.93 14.34
N ASP C 132 4.38 10.66 14.00
CA ASP C 132 3.48 9.52 14.19
C ASP C 132 3.03 9.38 15.66
N VAL C 133 1.73 9.07 15.87
CA VAL C 133 1.11 8.91 17.20
C VAL C 133 1.34 7.51 17.79
N ASP C 134 1.87 6.59 16.96
CA ASP C 134 2.23 5.21 17.28
C ASP C 134 2.94 4.58 16.08
N ASN C 135 3.44 3.34 16.22
CA ASN C 135 4.12 2.60 15.16
C ASN C 135 3.20 2.43 13.95
N ASP C 136 3.61 3.01 12.79
CA ASP C 136 2.89 3.01 11.51
C ASP C 136 1.48 3.63 11.60
N GLU C 137 1.33 4.63 12.48
CA GLU C 137 0.07 5.35 12.68
C GLU C 137 0.34 6.86 12.58
N ARG C 138 -0.04 7.47 11.46
CA ARG C 138 0.15 8.90 11.22
C ARG C 138 -0.69 9.78 12.18
N LEU C 139 -0.23 11.02 12.45
CA LEU C 139 -0.96 12.00 13.25
C LEU C 139 -2.21 12.35 12.42
N PRO C 140 -3.44 12.17 12.95
CA PRO C 140 -4.71 12.44 12.26
C PRO C 140 -4.98 13.92 12.13
N PRO C 141 -5.72 14.36 11.07
CA PRO C 141 -6.19 15.74 10.85
C PRO C 141 -7.00 16.18 12.09
N PRO C 142 -6.98 17.46 12.53
CA PRO C 142 -6.35 18.64 11.92
C PRO C 142 -4.86 18.82 12.22
N PHE C 143 -4.13 17.73 12.57
CA PHE C 143 -2.68 17.70 12.81
C PHE C 143 -2.23 18.69 13.88
N PRO C 144 -2.68 18.52 15.14
CA PRO C 144 -2.23 19.45 16.20
C PRO C 144 -0.79 19.19 16.63
N LEU C 145 -0.10 20.25 17.06
CA LEU C 145 1.26 20.10 17.61
C LEU C 145 1.12 19.40 18.94
N LYS C 146 1.82 18.28 19.12
CA LYS C 146 1.78 17.50 20.36
C LYS C 146 3.03 17.76 21.20
N GLN C 147 2.92 17.44 22.49
CA GLN C 147 3.99 17.58 23.47
C GLN C 147 3.95 16.40 24.43
N VAL C 148 5.11 15.93 24.87
CA VAL C 148 5.18 14.85 25.84
C VAL C 148 6.37 15.09 26.78
N LYS C 149 6.15 14.91 28.10
CA LYS C 149 7.19 15.02 29.10
C LYS C 149 7.91 13.68 29.08
N VAL C 150 9.22 13.69 28.86
CA VAL C 150 9.99 12.45 28.77
C VAL C 150 11.03 12.30 29.86
N PRO C 151 11.13 11.12 30.50
CA PRO C 151 12.16 10.94 31.54
C PRO C 151 13.56 10.73 30.94
N ILE C 152 14.55 11.57 31.36
CA ILE C 152 15.95 11.44 30.93
C ILE C 152 16.56 10.20 31.58
N MET C 153 17.38 9.49 30.83
CA MET C 153 18.07 8.29 31.26
C MET C 153 19.56 8.50 31.13
N GLU C 154 20.31 7.97 32.10
CA GLU C 154 21.77 8.00 32.14
C GLU C 154 22.26 7.16 30.94
N ASN C 155 23.16 7.71 30.13
CA ASN C 155 23.67 7.09 28.91
C ASN C 155 24.04 5.62 29.07
N HIS C 156 24.83 5.26 30.12
CA HIS C 156 25.26 3.87 30.34
C HIS C 156 24.10 2.88 30.61
N ILE C 157 23.02 3.34 31.29
CA ILE C 157 21.80 2.56 31.58
C ILE C 157 21.06 2.22 30.28
N CYS C 158 20.95 3.23 29.43
CA CYS C 158 20.33 3.22 28.12
C CYS C 158 21.12 2.32 27.16
N ASP C 159 22.47 2.40 27.21
CA ASP C 159 23.35 1.55 26.38
C ASP C 159 23.16 0.08 26.78
N ALA C 160 23.03 -0.19 28.08
CA ALA C 160 22.78 -1.52 28.62
C ALA C 160 21.43 -2.06 28.15
N LYS C 161 20.40 -1.20 28.15
CA LYS C 161 19.04 -1.55 27.73
C LYS C 161 19.01 -1.95 26.25
N TYR C 162 19.79 -1.23 25.43
CA TYR C 162 19.93 -1.48 24.00
C TYR C 162 20.68 -2.78 23.71
N HIS C 163 21.40 -3.33 24.71
CA HIS C 163 22.10 -4.60 24.57
C HIS C 163 21.21 -5.80 24.94
N LEU C 164 20.09 -5.55 25.65
CA LEU C 164 19.14 -6.60 26.04
C LEU C 164 18.35 -7.01 24.83
N GLY C 165 18.42 -8.30 24.51
CA GLY C 165 17.72 -8.86 23.37
C GLY C 165 18.36 -8.47 22.06
N ALA C 166 19.69 -8.25 22.08
CA ALA C 166 20.53 -7.88 20.94
C ALA C 166 21.76 -8.76 20.92
N TYR C 167 22.26 -9.07 19.71
CA TYR C 167 23.46 -9.88 19.49
C TYR C 167 24.76 -9.10 19.69
N THR C 168 24.70 -7.75 19.75
CA THR C 168 25.87 -6.87 19.88
C THR C 168 26.61 -7.14 21.18
N GLY C 169 27.93 -7.26 21.08
CA GLY C 169 28.81 -7.47 22.22
C GLY C 169 28.63 -6.39 23.26
N ASP C 170 28.63 -6.77 24.55
CA ASP C 170 28.43 -5.84 25.68
C ASP C 170 29.50 -4.71 25.73
N ASP C 171 30.70 -5.00 25.24
CA ASP C 171 31.86 -4.10 25.15
C ASP C 171 31.77 -3.13 23.94
N VAL C 172 30.77 -3.33 23.05
CA VAL C 172 30.54 -2.50 21.87
C VAL C 172 29.48 -1.45 22.21
N ARG C 173 29.78 -0.14 22.04
CA ARG C 173 28.81 0.90 22.40
C ARG C 173 27.75 1.20 21.33
N ILE C 174 26.48 1.05 21.68
CA ILE C 174 25.34 1.35 20.81
C ILE C 174 24.98 2.84 20.99
N VAL C 175 24.85 3.30 22.26
CA VAL C 175 24.58 4.69 22.63
C VAL C 175 25.94 5.34 22.93
N ARG C 176 26.25 6.45 22.26
CA ARG C 176 27.55 7.13 22.33
C ARG C 176 27.52 8.41 23.13
N ASP C 177 28.69 9.08 23.25
CA ASP C 177 28.82 10.31 24.05
C ASP C 177 28.14 11.54 23.43
N ASP C 178 27.99 11.55 22.11
CA ASP C 178 27.32 12.62 21.39
C ASP C 178 25.81 12.40 21.38
N MET C 179 25.31 11.45 22.19
CA MET C 179 23.90 11.06 22.28
C MET C 179 23.33 11.20 23.67
N LEU C 180 22.01 11.29 23.75
CA LEU C 180 21.22 11.46 24.95
C LEU C 180 20.01 10.49 24.87
N CYS C 181 19.55 9.95 26.01
CA CYS C 181 18.40 9.03 26.08
C CYS C 181 17.25 9.58 26.85
N ALA C 182 16.03 9.34 26.36
CA ALA C 182 14.81 9.80 27.01
C ALA C 182 13.60 8.98 26.58
N GLY C 183 12.59 8.93 27.42
CA GLY C 183 11.33 8.24 27.14
C GLY C 183 11.21 6.86 27.71
N ASN C 184 9.99 6.32 27.64
CA ASN C 184 9.61 4.97 28.10
C ASN C 184 8.59 4.35 27.12
N THR C 185 7.80 3.38 27.58
CA THR C 185 6.81 2.66 26.79
C THR C 185 5.49 3.44 26.59
N ARG C 186 5.28 4.53 27.36
CA ARG C 186 4.08 5.37 27.26
C ARG C 186 4.41 6.69 26.57
N ARG C 187 5.67 7.16 26.74
CA ARG C 187 6.15 8.48 26.28
C ARG C 187 7.38 8.35 25.38
N ASP C 188 7.29 8.84 24.13
CA ASP C 188 8.37 8.83 23.14
C ASP C 188 8.09 9.73 21.93
N SER C 189 9.14 10.00 21.14
CA SER C 189 9.05 10.68 19.86
C SER C 189 8.91 9.55 18.81
N CYS C 190 8.53 9.88 17.58
CA CYS C 190 8.33 8.86 16.54
C CYS C 190 8.83 9.40 15.16
N GLN C 191 8.52 8.70 14.06
CA GLN C 191 8.87 9.11 12.69
C GLN C 191 8.13 10.42 12.38
N GLY C 192 8.86 11.39 11.81
CA GLY C 192 8.31 12.71 11.49
C GLY C 192 8.56 13.70 12.61
N ASP C 193 9.11 13.23 13.76
CA ASP C 193 9.47 14.05 14.91
C ASP C 193 10.95 14.40 14.89
N SER C 194 11.73 13.73 14.01
CA SER C 194 13.16 13.96 13.85
C SER C 194 13.51 15.38 13.59
N GLY C 195 14.62 15.81 14.18
CA GLY C 195 15.07 17.18 14.05
C GLY C 195 14.43 18.07 15.08
N GLY C 196 13.33 17.59 15.63
CA GLY C 196 12.54 18.28 16.65
C GLY C 196 13.32 18.43 17.93
N PRO C 197 13.01 19.47 18.70
CA PRO C 197 13.77 19.73 19.92
C PRO C 197 13.33 18.99 21.18
N LEU C 198 14.33 18.57 22.00
CA LEU C 198 14.17 18.03 23.34
C LEU C 198 14.61 19.21 24.23
N VAL C 199 13.66 19.87 24.89
CA VAL C 199 13.90 21.05 25.73
C VAL C 199 13.73 20.74 27.22
N CYS C 200 14.59 21.31 28.06
CA CYS C 200 14.53 21.13 29.52
C CYS C 200 14.57 22.50 30.19
N LYS C 201 13.78 22.64 31.27
CA LYS C 201 13.76 23.90 32.01
C LYS C 201 14.82 23.82 33.09
N VAL C 202 15.87 24.65 32.92
CA VAL C 202 17.02 24.71 33.82
C VAL C 202 17.18 26.16 34.28
N ASN C 203 17.09 26.39 35.62
CA ASN C 203 17.25 27.71 36.26
C ASN C 203 16.24 28.73 35.65
N GLY C 204 15.00 28.29 35.44
CA GLY C 204 13.94 29.12 34.88
C GLY C 204 14.08 29.47 33.40
N THR C 205 14.99 28.77 32.68
CA THR C 205 15.21 28.97 31.25
C THR C 205 15.00 27.67 30.46
N TRP C 206 14.47 27.81 29.23
CA TRP C 206 14.25 26.69 28.34
C TRP C 206 15.46 26.54 27.44
N LEU C 207 16.21 25.45 27.64
CA LEU C 207 17.42 25.14 26.87
C LEU C 207 17.17 23.90 26.00
N GLN C 208 17.76 23.87 24.81
CA GLN C 208 17.62 22.71 23.96
C GLN C 208 18.71 21.68 24.26
N ALA C 209 18.31 20.59 24.94
CA ALA C 209 19.19 19.49 25.33
C ALA C 209 19.55 18.58 24.14
N GLY C 210 18.56 18.24 23.31
CA GLY C 210 18.76 17.35 22.20
C GLY C 210 17.93 17.58 20.97
N VAL C 211 18.24 16.82 19.93
CA VAL C 211 17.58 16.80 18.63
C VAL C 211 17.09 15.34 18.42
N VAL C 212 15.79 15.10 18.15
CA VAL C 212 15.23 13.76 17.89
C VAL C 212 16.05 13.12 16.76
N SER C 213 16.65 11.95 17.04
CA SER C 213 17.55 11.27 16.12
C SER C 213 17.10 9.86 15.72
N TRP C 214 17.07 8.90 16.66
CA TRP C 214 16.69 7.52 16.31
C TRP C 214 16.21 6.69 17.51
N GLY C 215 15.85 5.43 17.24
CA GLY C 215 15.38 4.43 18.21
C GLY C 215 14.92 3.17 17.48
N GLU C 216 14.74 2.05 18.21
CA GLU C 216 14.20 0.80 17.63
C GLU C 216 12.69 0.88 17.89
N GLY C 217 11.93 1.20 16.85
CA GLY C 217 10.49 1.39 16.96
C GLY C 217 10.12 2.60 17.81
N CYS C 218 8.85 2.74 18.18
CA CYS C 218 8.36 3.86 19.00
C CYS C 218 7.78 3.30 20.28
N ALA C 219 8.29 3.79 21.42
CA ALA C 219 7.88 3.43 22.78
C ALA C 219 7.88 1.89 23.03
N GLN C 220 8.90 1.22 22.50
CA GLN C 220 9.11 -0.20 22.66
C GLN C 220 9.88 -0.49 23.95
N PRO C 221 9.66 -1.66 24.61
CA PRO C 221 10.38 -1.94 25.86
C PRO C 221 11.88 -2.08 25.68
N ASN C 222 12.66 -1.43 26.57
CA ASN C 222 14.13 -1.42 26.61
C ASN C 222 14.76 -0.75 25.38
N ARG C 223 14.01 0.14 24.73
CA ARG C 223 14.43 0.88 23.58
C ARG C 223 14.00 2.35 23.71
N PRO C 224 14.59 3.15 24.66
CA PRO C 224 14.20 4.57 24.75
C PRO C 224 14.73 5.35 23.54
N GLY C 225 14.15 6.51 23.30
CA GLY C 225 14.54 7.38 22.20
C GLY C 225 15.93 7.94 22.37
N ILE C 226 16.68 7.98 21.28
CA ILE C 226 18.01 8.55 21.29
C ILE C 226 18.03 9.86 20.55
N TYR C 227 18.61 10.88 21.20
CA TYR C 227 18.70 12.25 20.73
C TYR C 227 20.15 12.62 20.56
N THR C 228 20.44 13.56 19.65
CA THR C 228 21.79 14.07 19.45
C THR C 228 21.99 15.06 20.60
N ARG C 229 23.11 14.95 21.31
CA ARG C 229 23.45 15.83 22.42
C ARG C 229 23.98 17.15 21.85
N VAL C 230 23.18 18.22 21.97
CA VAL C 230 23.51 19.55 21.47
C VAL C 230 24.86 20.07 22.05
N THR C 231 25.13 19.90 23.38
CA THR C 231 26.39 20.36 24.02
C THR C 231 27.64 19.88 23.28
N TYR C 232 27.61 18.63 22.83
CA TYR C 232 28.70 17.99 22.11
C TYR C 232 29.03 18.73 20.79
N TYR C 233 28.05 19.39 20.16
CA TYR C 233 28.22 20.04 18.85
C TYR C 233 28.15 21.59 18.88
N LEU C 234 28.25 22.21 20.06
CA LEU C 234 28.21 23.68 20.17
C LEU C 234 29.30 24.37 19.36
N ASP C 235 30.53 23.86 19.39
CA ASP C 235 31.62 24.45 18.62
C ASP C 235 31.31 24.45 17.14
N TRP C 236 30.77 23.33 16.62
CA TRP C 236 30.41 23.21 15.21
C TRP C 236 29.25 24.15 14.88
N ILE C 237 28.24 24.25 15.78
CA ILE C 237 27.07 25.13 15.61
C ILE C 237 27.56 26.58 15.53
N HIS C 238 28.37 27.01 16.50
CA HIS C 238 28.89 28.38 16.59
C HIS C 238 29.90 28.76 15.51
N HIS C 239 30.35 27.81 14.69
CA HIS C 239 31.21 28.11 13.57
C HIS C 239 30.36 28.76 12.46
N TYR C 240 29.01 28.55 12.48
CA TYR C 240 28.09 29.10 11.49
C TYR C 240 27.06 30.04 12.06
N VAL C 241 26.60 29.76 13.29
CA VAL C 241 25.56 30.50 13.98
C VAL C 241 26.14 31.47 15.01
N PRO C 242 25.74 32.78 14.91
CA PRO C 242 26.21 33.80 15.88
C PRO C 242 25.82 33.56 17.34
N ILE D 1 -12.82 16.24 -6.64
CA ILE D 1 -13.14 16.99 -7.86
C ILE D 1 -11.93 17.03 -8.82
N VAL D 2 -12.15 16.72 -10.11
CA VAL D 2 -11.15 16.76 -11.17
C VAL D 2 -11.38 18.07 -11.96
N GLY D 3 -10.38 18.94 -11.96
CA GLY D 3 -10.44 20.24 -12.59
C GLY D 3 -10.88 21.27 -11.59
N GLY D 4 -11.39 22.39 -12.06
CA GLY D 4 -11.88 23.45 -11.18
C GLY D 4 -10.87 24.09 -10.24
N GLN D 5 -11.37 24.65 -9.15
CA GLN D 5 -10.61 25.43 -8.18
C GLN D 5 -11.23 25.38 -6.79
N GLU D 6 -10.55 26.00 -5.81
CA GLU D 6 -11.02 26.13 -4.43
C GLU D 6 -12.23 27.06 -4.43
N ALA D 7 -13.28 26.67 -3.72
CA ALA D 7 -14.52 27.44 -3.65
C ALA D 7 -14.39 28.63 -2.68
N PRO D 8 -14.98 29.81 -3.02
CA PRO D 8 -14.96 30.93 -2.05
C PRO D 8 -15.89 30.63 -0.88
N ARG D 9 -15.63 31.21 0.31
CA ARG D 9 -16.40 31.02 1.55
C ARG D 9 -17.88 31.33 1.44
N SER D 10 -18.25 32.22 0.52
CA SER D 10 -19.63 32.66 0.29
C SER D 10 -20.50 31.62 -0.43
N LYS D 11 -19.90 30.90 -1.41
CA LYS D 11 -20.58 29.92 -2.26
C LYS D 11 -20.83 28.56 -1.59
N TRP D 12 -21.90 27.89 -2.06
CA TRP D 12 -22.37 26.54 -1.70
C TRP D 12 -22.67 26.35 -0.20
N PRO D 13 -23.64 27.10 0.39
CA PRO D 13 -23.90 26.93 1.86
C PRO D 13 -24.54 25.61 2.28
N TRP D 14 -25.12 24.89 1.30
CA TRP D 14 -25.81 23.61 1.49
C TRP D 14 -24.91 22.39 1.47
N GLN D 15 -23.60 22.58 1.15
CA GLN D 15 -22.64 21.49 1.08
C GLN D 15 -22.40 20.85 2.45
N VAL D 16 -22.49 19.52 2.54
CA VAL D 16 -22.20 18.80 3.79
C VAL D 16 -21.11 17.73 3.53
N SER D 17 -20.48 17.25 4.61
CA SER D 17 -19.48 16.20 4.61
C SER D 17 -19.99 15.11 5.55
N LEU D 18 -20.01 13.83 5.09
CA LEU D 18 -20.41 12.71 5.94
C LEU D 18 -19.16 12.10 6.52
N ARG D 19 -19.18 11.85 7.84
CA ARG D 19 -18.03 11.34 8.58
C ARG D 19 -18.24 9.97 9.16
N VAL D 20 -17.22 9.14 9.06
CA VAL D 20 -17.25 7.80 9.60
C VAL D 20 -16.21 7.70 10.71
N HIS D 21 -16.58 7.04 11.82
CA HIS D 21 -15.71 6.87 12.95
C HIS D 21 -14.59 5.86 12.69
N GLY D 22 -13.40 6.23 13.08
CA GLY D 22 -12.19 5.41 12.99
C GLY D 22 -11.13 6.01 13.91
N PRO D 23 -9.88 6.18 13.41
CA PRO D 23 -8.85 6.88 14.23
C PRO D 23 -9.20 8.37 14.37
N TYR D 24 -10.12 8.82 13.50
CA TYR D 24 -10.70 10.16 13.43
C TYR D 24 -11.99 10.09 12.61
N TRP D 25 -12.82 11.15 12.70
CA TRP D 25 -14.07 11.30 11.97
C TRP D 25 -13.74 11.68 10.54
N MET D 26 -13.49 10.65 9.74
CA MET D 26 -13.07 10.73 8.36
C MET D 26 -14.19 10.98 7.36
N HIS D 27 -13.93 11.88 6.41
CA HIS D 27 -14.82 12.19 5.33
C HIS D 27 -14.84 11.01 4.36
N PHE D 28 -16.03 10.55 3.97
CA PHE D 28 -16.16 9.49 3.00
C PHE D 28 -17.14 9.85 1.87
N CYS D 29 -18.06 10.76 2.13
CA CYS D 29 -19.09 11.17 1.18
C CYS D 29 -19.49 12.61 1.40
N GLY D 30 -20.10 13.18 0.38
CA GLY D 30 -20.72 14.48 0.46
C GLY D 30 -22.23 14.31 0.60
N GLY D 31 -22.93 15.41 0.48
CA GLY D 31 -24.36 15.50 0.59
C GLY D 31 -24.77 16.96 0.50
N SER D 32 -26.07 17.21 0.59
CA SER D 32 -26.59 18.55 0.53
C SER D 32 -27.69 18.69 1.56
N LEU D 33 -27.77 19.87 2.20
CA LEU D 33 -28.78 20.18 3.19
C LEU D 33 -30.00 20.67 2.39
N ILE D 34 -31.06 19.86 2.36
CA ILE D 34 -32.26 20.15 1.58
C ILE D 34 -33.42 20.70 2.45
N HIS D 35 -33.28 20.57 3.77
CA HIS D 35 -34.21 20.99 4.79
C HIS D 35 -33.41 21.07 6.11
N PRO D 36 -33.73 21.97 7.08
CA PRO D 36 -32.93 22.09 8.30
C PRO D 36 -32.66 20.81 9.08
N GLN D 37 -33.39 19.71 8.85
CA GLN D 37 -32.99 18.48 9.53
C GLN D 37 -32.86 17.28 8.55
N TRP D 38 -32.72 17.59 7.26
CA TRP D 38 -32.55 16.59 6.23
C TRP D 38 -31.38 16.83 5.29
N VAL D 39 -30.57 15.77 5.13
CA VAL D 39 -29.43 15.75 4.20
C VAL D 39 -29.74 14.75 3.08
N LEU D 40 -29.57 15.18 1.83
CA LEU D 40 -29.71 14.34 0.63
C LEU D 40 -28.29 13.86 0.24
N THR D 41 -28.11 12.53 0.16
CA THR D 41 -26.85 11.86 -0.18
C THR D 41 -27.10 10.71 -1.19
N ALA D 42 -26.05 9.95 -1.53
CA ALA D 42 -26.12 8.81 -2.46
C ALA D 42 -26.24 7.57 -1.58
N ALA D 43 -27.00 6.57 -2.00
CA ALA D 43 -27.21 5.34 -1.24
C ALA D 43 -25.96 4.49 -1.15
N HIS D 44 -25.09 4.53 -2.18
CA HIS D 44 -23.89 3.68 -2.17
C HIS D 44 -22.90 4.07 -1.06
N CYS D 45 -23.12 5.23 -0.44
CA CYS D 45 -22.34 5.79 0.65
C CYS D 45 -22.67 5.06 1.93
N VAL D 46 -23.96 4.78 2.13
CA VAL D 46 -24.50 4.24 3.38
C VAL D 46 -25.12 2.83 3.27
N GLY D 47 -25.33 2.33 2.06
CA GLY D 47 -25.93 1.05 1.77
C GLY D 47 -25.18 0.22 0.76
N PRO D 48 -25.75 -0.92 0.31
CA PRO D 48 -27.07 -1.49 0.65
C PRO D 48 -27.20 -2.08 2.07
N ASP D 49 -26.08 -2.48 2.70
CA ASP D 49 -26.01 -3.07 4.05
C ASP D 49 -26.11 -1.99 5.12
N VAL D 50 -26.89 -2.24 6.17
CA VAL D 50 -27.13 -1.33 7.31
C VAL D 50 -25.88 -1.19 8.16
N LYS D 51 -25.51 0.05 8.47
CA LYS D 51 -24.36 0.47 9.29
C LYS D 51 -24.91 1.00 10.61
N ASP D 52 -24.03 1.14 11.62
CA ASP D 52 -24.31 1.71 12.93
C ASP D 52 -24.38 3.26 12.82
N LEU D 53 -25.52 3.84 13.20
CA LEU D 53 -25.78 5.28 13.20
C LEU D 53 -24.82 6.02 14.13
N ALA D 54 -24.32 5.32 15.15
CA ALA D 54 -23.38 5.84 16.15
C ALA D 54 -22.03 6.19 15.52
N ALA D 55 -21.62 5.42 14.50
CA ALA D 55 -20.34 5.63 13.82
C ALA D 55 -20.45 6.64 12.65
N LEU D 56 -21.55 7.40 12.59
CA LEU D 56 -21.80 8.36 11.53
C LEU D 56 -22.17 9.71 12.07
N ARG D 57 -21.48 10.76 11.56
CA ARG D 57 -21.73 12.17 11.91
C ARG D 57 -21.81 12.97 10.63
N VAL D 58 -22.42 14.16 10.73
CA VAL D 58 -22.60 15.10 9.61
C VAL D 58 -21.91 16.42 9.97
N GLN D 59 -21.18 16.96 9.01
CA GLN D 59 -20.49 18.21 9.16
C GLN D 59 -21.05 19.14 8.09
N LEU D 60 -21.56 20.29 8.53
CA LEU D 60 -22.09 21.29 7.62
C LEU D 60 -20.95 22.08 7.00
N ARG D 61 -21.28 22.90 5.99
CA ARG D 61 -20.38 23.75 5.21
C ARG D 61 -19.18 24.27 6.00
N GLU D 62 -18.00 23.84 5.57
CA GLU D 62 -16.70 24.25 6.09
C GLU D 62 -15.74 24.37 4.92
N GLN D 63 -14.88 25.38 4.97
CA GLN D 63 -13.95 25.66 3.88
C GLN D 63 -12.86 24.61 3.74
N HIS D 64 -12.31 24.17 4.89
CA HIS D 64 -11.22 23.21 4.96
C HIS D 64 -11.64 22.10 5.86
N LEU D 65 -11.61 20.86 5.36
CA LEU D 65 -12.00 19.71 6.15
C LEU D 65 -11.19 19.58 7.43
N TYR D 66 -11.85 19.18 8.52
CA TYR D 66 -11.31 18.86 9.85
C TYR D 66 -10.83 20.05 10.71
N TYR D 67 -10.58 21.22 10.11
CA TYR D 67 -10.02 22.32 10.91
C TYR D 67 -11.02 22.90 11.93
N GLN D 68 -12.29 23.07 11.57
CA GLN D 68 -13.27 23.61 12.51
C GLN D 68 -14.52 22.75 12.60
N ASP D 69 -14.34 21.50 13.04
CA ASP D 69 -15.38 20.49 13.14
C ASP D 69 -16.40 20.74 14.25
N GLN D 70 -17.68 20.70 13.88
CA GLN D 70 -18.88 20.81 14.73
C GLN D 70 -19.77 19.69 14.18
N LEU D 71 -19.51 18.45 14.63
CA LEU D 71 -20.15 17.24 14.14
C LEU D 71 -21.51 16.97 14.74
N LEU D 72 -22.49 16.73 13.86
CA LEU D 72 -23.89 16.49 14.22
C LEU D 72 -24.30 15.03 14.11
N PRO D 73 -24.97 14.47 15.16
CA PRO D 73 -25.45 13.08 15.05
C PRO D 73 -26.67 12.96 14.14
N VAL D 74 -26.86 11.74 13.62
CA VAL D 74 -27.93 11.34 12.70
C VAL D 74 -28.92 10.41 13.42
N SER D 75 -30.23 10.69 13.29
CA SER D 75 -31.27 9.87 13.92
C SER D 75 -31.83 8.76 13.00
N ARG D 76 -31.72 8.95 11.68
CA ARG D 76 -32.26 7.99 10.74
C ARG D 76 -31.57 8.08 9.37
N ILE D 77 -31.32 6.92 8.77
CA ILE D 77 -30.83 6.76 7.41
C ILE D 77 -31.97 6.10 6.63
N ILE D 78 -32.45 6.75 5.57
CA ILE D 78 -33.48 6.23 4.70
C ILE D 78 -32.85 6.03 3.31
N VAL D 79 -32.62 4.77 2.92
CA VAL D 79 -32.08 4.42 1.62
C VAL D 79 -33.25 4.02 0.70
N HIS D 80 -33.25 4.47 -0.57
CA HIS D 80 -34.30 4.10 -1.52
C HIS D 80 -34.50 2.56 -1.56
N PRO D 81 -35.74 2.06 -1.42
CA PRO D 81 -35.94 0.59 -1.38
C PRO D 81 -35.49 -0.20 -2.61
N GLN D 82 -35.42 0.44 -3.77
CA GLN D 82 -34.99 -0.20 -5.02
C GLN D 82 -33.49 -0.41 -5.14
N PHE D 83 -32.71 0.27 -4.30
CA PHE D 83 -31.26 0.29 -4.38
C PHE D 83 -30.56 -0.98 -3.93
N TYR D 84 -29.53 -1.37 -4.69
CA TYR D 84 -28.57 -2.41 -4.37
C TYR D 84 -27.17 -2.01 -4.90
N THR D 85 -27.04 -1.66 -6.21
CA THR D 85 -25.79 -1.16 -6.80
C THR D 85 -26.01 0.18 -7.50
N ALA D 86 -25.01 1.10 -7.43
CA ALA D 86 -25.04 2.44 -8.01
C ALA D 86 -25.40 2.49 -9.50
N GLN D 87 -24.79 1.63 -10.32
CA GLN D 87 -25.03 1.57 -11.78
C GLN D 87 -26.43 1.16 -12.18
N CYS D 88 -27.14 0.46 -11.30
CA CYS D 88 -28.46 -0.05 -11.63
C CYS D 88 -29.61 0.84 -11.12
N GLY D 89 -29.27 2.04 -10.68
CA GLY D 89 -30.26 3.02 -10.27
C GLY D 89 -30.59 3.04 -8.80
N ALA D 90 -31.52 3.97 -8.46
CA ALA D 90 -32.03 4.30 -7.13
C ALA D 90 -30.92 4.68 -6.14
N ASP D 91 -29.80 5.26 -6.65
CA ASP D 91 -28.67 5.64 -5.80
C ASP D 91 -28.94 6.98 -5.13
N ILE D 92 -29.84 6.94 -4.14
CA ILE D 92 -30.31 8.12 -3.39
C ILE D 92 -30.63 7.73 -1.93
N ALA D 93 -30.28 8.61 -1.00
CA ALA D 93 -30.50 8.40 0.43
C ALA D 93 -30.79 9.69 1.19
N LEU D 94 -31.45 9.58 2.34
CA LEU D 94 -31.76 10.75 3.16
C LEU D 94 -31.25 10.50 4.54
N LEU D 95 -30.66 11.52 5.14
CA LEU D 95 -30.21 11.45 6.50
C LEU D 95 -31.01 12.46 7.27
N GLU D 96 -31.60 12.02 8.38
CA GLU D 96 -32.38 12.86 9.29
C GLU D 96 -31.49 13.18 10.47
N LEU D 97 -31.28 14.47 10.72
CA LEU D 97 -30.46 14.90 11.83
C LEU D 97 -31.24 14.82 13.14
N GLU D 98 -30.57 14.44 14.24
CA GLU D 98 -31.20 14.37 15.57
C GLU D 98 -32.02 15.64 15.91
N GLU D 99 -31.47 16.83 15.57
CA GLU D 99 -32.10 18.14 15.77
C GLU D 99 -31.94 19.04 14.53
N PRO D 100 -32.93 19.92 14.21
CA PRO D 100 -32.75 20.81 13.05
C PRO D 100 -31.66 21.85 13.26
N VAL D 101 -31.12 22.41 12.18
CA VAL D 101 -30.03 23.37 12.25
C VAL D 101 -30.56 24.81 12.18
N ASN D 102 -29.86 25.74 12.86
CA ASN D 102 -30.17 27.18 12.83
C ASN D 102 -29.49 27.67 11.56
N VAL D 103 -30.28 27.83 10.50
CA VAL D 103 -29.77 28.23 9.19
C VAL D 103 -29.35 29.70 9.15
N SER D 104 -28.07 29.94 8.85
CA SER D 104 -27.47 31.27 8.73
C SER D 104 -27.32 31.63 7.24
N SER D 105 -26.63 32.75 6.92
CA SER D 105 -26.40 33.14 5.52
C SER D 105 -25.23 32.31 4.95
N HIS D 106 -24.32 31.85 5.84
CA HIS D 106 -23.15 31.04 5.51
C HIS D 106 -23.50 29.55 5.37
N VAL D 107 -24.56 29.10 6.08
CA VAL D 107 -25.04 27.72 6.08
C VAL D 107 -26.59 27.69 5.97
N HIS D 108 -27.11 27.32 4.79
CA HIS D 108 -28.55 27.18 4.54
C HIS D 108 -28.84 26.16 3.43
N THR D 109 -30.12 25.82 3.25
CA THR D 109 -30.59 24.79 2.34
C THR D 109 -30.57 25.13 0.85
N VAL D 110 -30.60 24.10 0.02
CA VAL D 110 -30.64 24.15 -1.44
C VAL D 110 -32.09 23.86 -1.89
N THR D 111 -32.48 24.45 -3.02
CA THR D 111 -33.83 24.26 -3.54
C THR D 111 -33.84 23.08 -4.49
N LEU D 112 -34.82 22.19 -4.30
CA LEU D 112 -35.01 21.04 -5.18
C LEU D 112 -35.78 21.53 -6.39
N PRO D 113 -35.57 20.95 -7.58
CA PRO D 113 -36.23 21.51 -8.77
C PRO D 113 -37.70 21.14 -8.90
N PRO D 114 -38.50 21.85 -9.72
CA PRO D 114 -39.88 21.40 -9.94
C PRO D 114 -39.84 20.16 -10.86
N ALA D 115 -40.78 19.22 -10.66
CA ALA D 115 -40.90 17.95 -11.40
C ALA D 115 -40.69 18.03 -12.92
N SER D 116 -41.06 19.17 -13.52
CA SER D 116 -40.96 19.43 -14.96
C SER D 116 -39.57 19.81 -15.49
N GLU D 117 -38.66 20.28 -14.61
CA GLU D 117 -37.32 20.72 -15.04
C GLU D 117 -36.48 19.55 -15.58
N THR D 118 -36.02 19.70 -16.84
CA THR D 118 -35.28 18.67 -17.58
C THR D 118 -33.76 18.85 -17.57
N PHE D 119 -33.28 20.09 -17.33
CA PHE D 119 -31.85 20.47 -17.34
C PHE D 119 -31.18 20.15 -18.70
N PRO D 120 -31.54 20.92 -19.75
CA PRO D 120 -30.99 20.65 -21.09
C PRO D 120 -29.50 20.99 -21.24
N PRO D 121 -28.78 20.39 -22.23
CA PRO D 121 -27.35 20.73 -22.39
C PRO D 121 -27.11 22.22 -22.57
N GLY D 122 -25.97 22.69 -22.09
CA GLY D 122 -25.62 24.11 -22.15
C GLY D 122 -26.10 24.86 -20.92
N MET D 123 -26.53 24.10 -19.91
CA MET D 123 -26.99 24.63 -18.62
C MET D 123 -25.73 24.91 -17.76
N PRO D 124 -25.64 26.08 -17.05
CA PRO D 124 -24.46 26.31 -16.19
C PRO D 124 -24.54 25.53 -14.89
N CYS D 125 -23.84 24.39 -14.82
CA CYS D 125 -23.91 23.54 -13.62
C CYS D 125 -22.57 23.35 -12.94
N TRP D 126 -22.62 23.27 -11.63
CA TRP D 126 -21.46 23.08 -10.79
C TRP D 126 -21.62 21.86 -9.94
N VAL D 127 -20.49 21.19 -9.71
CA VAL D 127 -20.36 20.08 -8.80
C VAL D 127 -19.26 20.47 -7.80
N THR D 128 -19.52 20.24 -6.53
CA THR D 128 -18.65 20.61 -5.41
C THR D 128 -18.38 19.41 -4.51
N GLY D 129 -17.27 19.45 -3.79
CA GLY D 129 -16.89 18.38 -2.88
C GLY D 129 -15.44 18.39 -2.45
N TRP D 130 -15.07 17.37 -1.65
CA TRP D 130 -13.72 17.18 -1.13
C TRP D 130 -13.20 15.80 -1.58
N GLY D 131 -13.64 15.33 -2.73
CA GLY D 131 -13.20 14.05 -3.28
C GLY D 131 -11.84 14.13 -3.93
N ASP D 132 -11.40 13.00 -4.53
CA ASP D 132 -10.12 12.83 -5.22
C ASP D 132 -9.92 13.88 -6.32
N VAL D 133 -8.70 14.40 -6.43
CA VAL D 133 -8.32 15.45 -7.39
C VAL D 133 -7.95 14.88 -8.76
N ASP D 134 -7.80 13.53 -8.83
CA ASP D 134 -7.51 12.71 -10.01
C ASP D 134 -7.64 11.22 -9.63
N ASN D 135 -7.51 10.30 -10.61
CA ASN D 135 -7.58 8.86 -10.41
C ASN D 135 -6.49 8.44 -9.42
N ASP D 136 -6.91 7.86 -8.26
CA ASP D 136 -6.05 7.40 -7.15
C ASP D 136 -5.16 8.49 -6.54
N GLU D 137 -5.64 9.74 -6.55
CA GLU D 137 -4.93 10.91 -6.02
C GLU D 137 -5.86 11.65 -5.06
N ARG D 138 -5.62 11.51 -3.74
CA ARG D 138 -6.46 12.13 -2.70
C ARG D 138 -6.32 13.65 -2.69
N LEU D 139 -7.36 14.36 -2.20
CA LEU D 139 -7.33 15.81 -2.01
C LEU D 139 -6.28 16.09 -0.92
N PRO D 140 -5.21 16.87 -1.19
CA PRO D 140 -4.13 17.19 -0.26
C PRO D 140 -4.56 18.18 0.82
N PRO D 141 -3.96 18.14 2.03
CA PRO D 141 -4.16 19.09 3.14
C PRO D 141 -3.88 20.52 2.63
N PRO D 142 -4.58 21.58 3.08
CA PRO D 142 -5.57 21.65 4.16
C PRO D 142 -7.01 21.27 3.77
N PHE D 143 -7.17 20.47 2.68
CA PHE D 143 -8.46 19.92 2.19
C PHE D 143 -9.48 20.99 1.90
N PRO D 144 -9.21 21.87 0.92
CA PRO D 144 -10.20 22.92 0.60
C PRO D 144 -11.40 22.36 -0.16
N LEU D 145 -12.58 22.98 0.01
CA LEU D 145 -13.75 22.60 -0.76
C LEU D 145 -13.49 23.03 -2.20
N LYS D 146 -13.53 22.09 -3.14
CA LYS D 146 -13.33 22.34 -4.57
C LYS D 146 -14.66 22.43 -5.35
N GLN D 147 -14.68 23.21 -6.45
CA GLN D 147 -15.84 23.41 -7.33
C GLN D 147 -15.42 23.29 -8.77
N VAL D 148 -16.29 22.79 -9.65
CA VAL D 148 -16.02 22.70 -11.07
C VAL D 148 -17.31 22.91 -11.86
N LYS D 149 -17.24 23.71 -12.93
CA LYS D 149 -18.35 23.95 -13.84
C LYS D 149 -18.35 22.77 -14.79
N VAL D 150 -19.47 22.04 -14.90
CA VAL D 150 -19.54 20.86 -15.75
C VAL D 150 -20.56 21.00 -16.87
N PRO D 151 -20.21 20.60 -18.10
CA PRO D 151 -21.20 20.66 -19.19
C PRO D 151 -22.21 19.49 -19.13
N ILE D 152 -23.52 19.82 -19.10
CA ILE D 152 -24.60 18.83 -19.13
C ILE D 152 -24.66 18.19 -20.51
N MET D 153 -24.96 16.89 -20.54
CA MET D 153 -25.10 16.10 -21.75
C MET D 153 -26.48 15.45 -21.78
N GLU D 154 -27.09 15.30 -22.97
CA GLU D 154 -28.39 14.62 -23.12
C GLU D 154 -28.19 13.14 -22.86
N ASN D 155 -29.13 12.53 -22.15
CA ASN D 155 -29.14 11.12 -21.76
C ASN D 155 -28.96 10.18 -22.93
N HIS D 156 -29.63 10.43 -24.08
CA HIS D 156 -29.51 9.54 -25.24
C HIS D 156 -28.10 9.62 -25.84
N ILE D 157 -27.47 10.83 -25.83
CA ILE D 157 -26.11 11.09 -26.30
C ILE D 157 -25.12 10.37 -25.41
N CYS D 158 -25.28 10.55 -24.10
CA CYS D 158 -24.47 9.99 -23.05
C CYS D 158 -24.54 8.45 -22.97
N ASP D 159 -25.72 7.84 -23.17
CA ASP D 159 -25.91 6.39 -23.19
C ASP D 159 -25.18 5.84 -24.40
N ALA D 160 -25.21 6.57 -25.53
CA ALA D 160 -24.47 6.20 -26.74
C ALA D 160 -22.96 6.22 -26.50
N LYS D 161 -22.45 7.25 -25.75
CA LYS D 161 -21.04 7.37 -25.41
C LYS D 161 -20.56 6.21 -24.56
N TYR D 162 -21.40 5.79 -23.61
CA TYR D 162 -21.14 4.67 -22.71
C TYR D 162 -21.16 3.34 -23.45
N HIS D 163 -21.74 3.29 -24.67
CA HIS D 163 -21.74 2.07 -25.49
C HIS D 163 -20.49 1.98 -26.37
N LEU D 164 -19.78 3.10 -26.58
CA LEU D 164 -18.54 3.12 -27.37
C LEU D 164 -17.45 2.46 -26.58
N GLY D 165 -16.84 1.42 -27.17
CA GLY D 165 -15.76 0.69 -26.51
C GLY D 165 -16.26 -0.15 -25.36
N ALA D 166 -17.52 -0.64 -25.49
CA ALA D 166 -18.21 -1.49 -24.53
C ALA D 166 -18.88 -2.62 -25.27
N TYR D 167 -18.96 -3.79 -24.64
CA TYR D 167 -19.58 -5.01 -25.17
C TYR D 167 -21.08 -5.00 -25.08
N THR D 168 -21.68 -4.14 -24.21
CA THR D 168 -23.13 -4.04 -23.97
C THR D 168 -23.89 -3.74 -25.25
N GLY D 169 -24.97 -4.50 -25.47
CA GLY D 169 -25.85 -4.31 -26.62
C GLY D 169 -26.37 -2.89 -26.72
N ASP D 170 -26.43 -2.34 -27.95
CA ASP D 170 -26.89 -0.96 -28.17
C ASP D 170 -28.33 -0.70 -27.71
N ASP D 171 -29.17 -1.74 -27.73
CA ASP D 171 -30.57 -1.76 -27.30
C ASP D 171 -30.71 -1.83 -25.75
N VAL D 172 -29.61 -2.09 -25.03
CA VAL D 172 -29.59 -2.18 -23.57
C VAL D 172 -29.19 -0.82 -23.00
N ARG D 173 -30.03 -0.27 -22.13
CA ARG D 173 -29.76 1.03 -21.52
C ARG D 173 -28.78 0.89 -20.35
N ILE D 174 -27.73 1.70 -20.37
CA ILE D 174 -26.71 1.78 -19.33
C ILE D 174 -27.09 3.00 -18.49
N VAL D 175 -27.40 4.12 -19.17
CA VAL D 175 -27.79 5.39 -18.58
C VAL D 175 -29.33 5.45 -18.59
N ARG D 176 -29.92 5.18 -17.41
CA ARG D 176 -31.36 5.10 -17.19
C ARG D 176 -31.96 6.48 -17.02
N ASP D 177 -33.30 6.58 -17.09
CA ASP D 177 -34.06 7.83 -16.98
C ASP D 177 -33.89 8.55 -15.62
N ASP D 178 -33.54 7.79 -14.57
CA ASP D 178 -33.32 8.29 -13.21
C ASP D 178 -31.89 8.86 -13.06
N MET D 179 -31.19 9.01 -14.20
CA MET D 179 -29.80 9.46 -14.26
C MET D 179 -29.62 10.69 -15.11
N LEU D 180 -28.53 11.40 -14.87
CA LEU D 180 -28.12 12.63 -15.53
C LEU D 180 -26.62 12.53 -15.85
N CYS D 181 -26.19 13.11 -16.97
CA CYS D 181 -24.78 13.13 -17.41
C CYS D 181 -24.17 14.51 -17.46
N ALA D 182 -22.94 14.62 -16.97
CA ALA D 182 -22.21 15.87 -16.95
C ALA D 182 -20.70 15.65 -16.88
N GLY D 183 -19.95 16.62 -17.39
CA GLY D 183 -18.49 16.59 -17.39
C GLY D 183 -17.84 16.14 -18.67
N ASN D 184 -16.51 16.33 -18.72
CA ASN D 184 -15.65 15.94 -19.84
C ASN D 184 -14.32 15.40 -19.30
N THR D 185 -13.25 15.44 -20.12
CA THR D 185 -11.92 14.94 -19.79
C THR D 185 -11.11 15.89 -18.88
N ARG D 186 -11.54 17.15 -18.73
CA ARG D 186 -10.87 18.13 -17.88
C ARG D 186 -11.66 18.37 -16.60
N ARG D 187 -12.99 18.22 -16.67
CA ARG D 187 -13.95 18.53 -15.60
C ARG D 187 -14.81 17.32 -15.24
N ASP D 188 -14.76 16.89 -13.95
CA ASP D 188 -15.53 15.76 -13.41
C ASP D 188 -15.49 15.68 -11.88
N SER D 189 -16.38 14.87 -11.30
CA SER D 189 -16.40 14.54 -9.88
C SER D 189 -15.57 13.24 -9.77
N CYS D 190 -15.20 12.85 -8.55
CA CYS D 190 -14.38 11.67 -8.34
C CYS D 190 -14.83 10.90 -7.06
N GLN D 191 -14.05 9.91 -6.60
CA GLN D 191 -14.32 9.14 -5.38
C GLN D 191 -14.25 10.10 -4.17
N GLY D 192 -15.22 10.01 -3.26
CA GLY D 192 -15.34 10.88 -2.09
C GLY D 192 -16.19 12.10 -2.36
N ASP D 193 -16.64 12.27 -3.64
CA ASP D 193 -17.51 13.35 -4.07
C ASP D 193 -18.95 12.88 -4.10
N SER D 194 -19.18 11.55 -3.99
CA SER D 194 -20.49 10.91 -4.00
C SER D 194 -21.45 11.50 -2.98
N GLY D 195 -22.71 11.66 -3.39
CA GLY D 195 -23.76 12.25 -2.57
C GLY D 195 -23.82 13.75 -2.76
N GLY D 196 -22.66 14.31 -3.14
CA GLY D 196 -22.46 15.72 -3.41
C GLY D 196 -23.41 16.26 -4.44
N PRO D 197 -23.76 17.55 -4.32
CA PRO D 197 -24.75 18.11 -5.23
C PRO D 197 -24.23 18.62 -6.56
N LEU D 198 -25.03 18.42 -7.61
CA LEU D 198 -24.85 18.99 -8.94
C LEU D 198 -25.95 20.08 -8.98
N VAL D 199 -25.55 21.36 -8.91
CA VAL D 199 -26.46 22.50 -8.86
C VAL D 199 -26.43 23.33 -10.15
N CYS D 200 -27.58 23.82 -10.59
CA CYS D 200 -27.70 24.64 -11.78
C CYS D 200 -28.47 25.90 -11.45
N LYS D 201 -28.05 27.02 -12.04
CA LYS D 201 -28.74 28.29 -11.83
C LYS D 201 -29.81 28.43 -12.89
N VAL D 202 -31.07 28.34 -12.46
CA VAL D 202 -32.25 28.38 -13.34
C VAL D 202 -33.15 29.52 -12.86
N ASN D 203 -33.38 30.53 -13.75
CA ASN D 203 -34.22 31.72 -13.49
C ASN D 203 -33.80 32.45 -12.20
N GLY D 204 -32.48 32.63 -12.04
CA GLY D 204 -31.89 33.28 -10.88
C GLY D 204 -31.96 32.52 -9.56
N THR D 205 -32.26 31.20 -9.62
CA THR D 205 -32.31 30.34 -8.43
C THR D 205 -31.36 29.15 -8.58
N TRP D 206 -30.79 28.71 -7.45
CA TRP D 206 -29.90 27.55 -7.42
C TRP D 206 -30.72 26.32 -7.08
N LEU D 207 -30.86 25.41 -8.06
CA LEU D 207 -31.62 24.15 -7.95
C LEU D 207 -30.69 22.94 -8.00
N GLN D 208 -30.96 21.95 -7.14
CA GLN D 208 -30.15 20.74 -7.21
C GLN D 208 -30.66 19.78 -8.29
N ALA D 209 -29.91 19.67 -9.39
CA ALA D 209 -30.23 18.82 -10.53
C ALA D 209 -29.90 17.34 -10.24
N GLY D 210 -28.75 17.07 -9.63
CA GLY D 210 -28.32 15.72 -9.36
C GLY D 210 -27.51 15.50 -8.12
N VAL D 211 -27.18 14.25 -7.89
CA VAL D 211 -26.36 13.74 -6.77
C VAL D 211 -25.25 12.88 -7.42
N VAL D 212 -23.98 13.14 -7.09
CA VAL D 212 -22.83 12.38 -7.61
C VAL D 212 -23.06 10.90 -7.29
N SER D 213 -23.05 10.05 -8.35
CA SER D 213 -23.35 8.63 -8.22
C SER D 213 -22.22 7.71 -8.72
N TRP D 214 -21.92 7.70 -10.01
CA TRP D 214 -20.89 6.80 -10.57
C TRP D 214 -20.33 7.28 -11.94
N GLY D 215 -19.40 6.51 -12.47
CA GLY D 215 -18.74 6.69 -13.77
C GLY D 215 -17.63 5.67 -13.96
N GLU D 216 -17.09 5.55 -15.19
CA GLU D 216 -15.94 4.65 -15.47
C GLU D 216 -14.73 5.57 -15.34
N GLY D 217 -13.99 5.42 -14.22
CA GLY D 217 -12.84 6.27 -13.90
C GLY D 217 -13.24 7.72 -13.67
N CYS D 218 -12.25 8.62 -13.59
CA CYS D 218 -12.50 10.06 -13.40
C CYS D 218 -11.95 10.80 -14.62
N ALA D 219 -12.83 11.57 -15.28
CA ALA D 219 -12.56 12.38 -16.48
C ALA D 219 -11.93 11.56 -17.66
N GLN D 220 -12.43 10.34 -17.89
CA GLN D 220 -12.00 9.45 -18.98
C GLN D 220 -12.77 9.79 -20.28
N PRO D 221 -12.18 9.60 -21.50
CA PRO D 221 -12.91 9.94 -22.73
C PRO D 221 -14.13 9.05 -22.97
N ASN D 222 -15.27 9.68 -23.37
CA ASN D 222 -16.58 9.02 -23.64
C ASN D 222 -17.19 8.37 -22.41
N ARG D 223 -16.81 8.84 -21.23
CA ARG D 223 -17.30 8.35 -19.95
C ARG D 223 -17.60 9.56 -19.03
N PRO D 224 -18.64 10.39 -19.34
CA PRO D 224 -18.96 11.49 -18.42
C PRO D 224 -19.52 10.96 -17.10
N GLY D 225 -19.50 11.80 -16.08
CA GLY D 225 -20.01 11.43 -14.77
C GLY D 225 -21.51 11.26 -14.78
N ILE D 226 -21.98 10.23 -14.05
CA ILE D 226 -23.39 9.92 -13.94
C ILE D 226 -23.91 10.29 -12.56
N TYR D 227 -24.98 11.10 -12.55
CA TYR D 227 -25.61 11.63 -11.35
C TYR D 227 -27.01 11.07 -11.26
N THR D 228 -27.53 10.95 -10.04
CA THR D 228 -28.91 10.54 -9.82
C THR D 228 -29.75 11.78 -10.12
N ARG D 229 -30.79 11.63 -10.97
CA ARG D 229 -31.70 12.72 -11.35
C ARG D 229 -32.68 12.97 -10.22
N VAL D 230 -32.52 14.10 -9.51
CA VAL D 230 -33.36 14.48 -8.39
C VAL D 230 -34.87 14.54 -8.77
N THR D 231 -35.25 15.14 -9.94
CA THR D 231 -36.66 15.23 -10.38
C THR D 231 -37.38 13.87 -10.36
N TYR D 232 -36.69 12.82 -10.80
CA TYR D 232 -37.20 11.45 -10.84
C TYR D 232 -37.61 10.93 -9.44
N TYR D 233 -36.96 11.41 -8.36
CA TYR D 233 -37.18 10.95 -6.99
C TYR D 233 -37.86 11.97 -6.07
N LEU D 234 -38.45 13.04 -6.63
CA LEU D 234 -39.15 14.04 -5.81
C LEU D 234 -40.26 13.47 -4.98
N ASP D 235 -41.11 12.59 -5.54
CA ASP D 235 -42.19 11.97 -4.80
C ASP D 235 -41.68 11.18 -3.62
N TRP D 236 -40.59 10.40 -3.81
CA TRP D 236 -39.99 9.64 -2.72
C TRP D 236 -39.38 10.58 -1.64
N ILE D 237 -38.70 11.65 -2.10
CA ILE D 237 -38.06 12.65 -1.22
C ILE D 237 -39.14 13.30 -0.38
N HIS D 238 -40.21 13.77 -1.03
CA HIS D 238 -41.30 14.49 -0.39
C HIS D 238 -42.21 13.63 0.50
N HIS D 239 -42.01 12.32 0.49
CA HIS D 239 -42.73 11.46 1.39
C HIS D 239 -42.12 11.58 2.80
N TYR D 240 -40.88 12.08 2.91
CA TYR D 240 -40.17 12.22 4.17
C TYR D 240 -39.83 13.65 4.49
N VAL D 241 -39.47 14.42 3.44
CA VAL D 241 -39.01 15.79 3.54
C VAL D 241 -40.09 16.80 3.19
N PRO D 242 -40.38 17.78 4.09
CA PRO D 242 -41.38 18.82 3.79
C PRO D 242 -41.00 19.70 2.59
N LYS D 243 -41.94 20.01 1.68
CA LYS D 243 -41.62 20.88 0.54
C LYS D 243 -41.61 22.36 0.97
S SO4 E . 2.58 -27.79 -12.56
O1 SO4 E . 3.71 -27.53 -13.44
O2 SO4 E . 3.04 -28.65 -11.43
O3 SO4 E . 2.10 -26.51 -12.04
O4 SO4 E . 1.51 -28.44 -13.35
N 0GJ F . -20.50 -7.21 -4.51
CA 0GJ F . -19.15 -6.95 -4.91
C 0GJ F . -18.61 -8.06 -5.84
O 0GJ F . -18.39 -9.20 -5.45
CB 0GJ F . -18.30 -6.74 -3.68
CG 0GJ F . -17.15 -5.77 -3.94
CD 0GJ F . -15.82 -6.47 -3.95
OE1 0GJ F . -15.46 -7.14 -2.93
OE2 0GJ F . -15.07 -6.37 -4.96
N1 0GJ F . -18.39 -7.70 -7.24
CA1 0GJ F . -17.91 -8.69 -8.23
C1 0GJ F . -16.62 -9.45 -7.87
O1 0GJ F . -15.73 -8.89 -7.24
N2 0GJ F . -16.50 -10.82 -8.29
CA2 0GJ F . -15.30 -11.57 -8.01
C2 0GJ F . -14.48 -11.84 -9.31
O2 0GJ F . -13.06 -12.26 -9.01
CB1 0GJ F . -15.58 -12.79 -7.16
CG1 0GJ F . -16.84 -12.71 -6.34
CD1 0GJ F . -16.69 -12.94 -4.83
NE 0GJ F . -17.21 -14.26 -4.59
CZ 0GJ F . -17.84 -14.72 -3.39
NH1 0GJ F . -18.01 -13.99 -2.33
NH2 0GJ F . -18.21 -15.94 -3.40
C3 0GJ F . -14.56 -10.67 -10.38
S SO4 G . 12.98 -25.98 -9.55
O1 SO4 G . 12.50 -27.34 -9.80
O2 SO4 G . 14.33 -26.04 -8.98
O3 SO4 G . 12.11 -25.27 -8.60
O4 SO4 G . 12.97 -25.29 -10.82
N 0GJ H . 21.29 2.44 2.35
CA 0GJ H . 20.31 1.54 2.88
C 0GJ H . 20.76 0.07 2.79
O 0GJ H . 21.19 -0.40 1.73
CB 0GJ H . 18.98 1.75 2.19
CG 0GJ H . 17.84 0.89 2.77
CD 0GJ H . 16.55 0.94 2.02
OE1 0GJ H . 16.49 0.63 0.78
OE2 0GJ H . 15.49 1.28 2.63
N1 0GJ H . 20.59 -0.78 3.96
CA1 0GJ H . 20.96 -2.20 3.90
C1 0GJ H . 20.23 -3.07 2.84
O1 0GJ H . 19.17 -2.72 2.36
N2 0GJ H . 20.81 -4.30 2.40
CA2 0GJ H . 20.07 -5.12 1.46
C2 0GJ H . 19.69 -6.46 2.15
O2 0GJ H . 18.56 -7.16 1.44
CB1 0GJ H . 20.75 -5.24 0.11
CG1 0GJ H . 21.73 -4.17 -0.26
CD1 0GJ H . 21.37 -3.38 -1.53
NE 0GJ H . 22.41 -3.63 -2.51
CZ 0GJ H . 23.08 -2.66 -3.34
NH1 0GJ H . 22.83 -1.39 -3.33
NH2 0GJ H . 23.96 -3.08 -4.16
C3 0GJ H . 19.45 -6.37 3.72
S SO4 I . 6.35 27.77 31.76
O1 SO4 I . 7.60 28.42 31.31
O2 SO4 I . 6.60 27.00 32.99
O3 SO4 I . 5.35 28.81 32.02
O4 SO4 I . 5.86 26.86 30.73
S SO4 J . -3.88 27.62 13.43
O1 SO4 J . -2.76 28.34 14.06
O2 SO4 J . -3.34 26.82 12.33
O3 SO4 J . -4.89 28.59 12.98
O4 SO4 J . -4.53 26.76 14.38
N 0GJ K . 16.63 2.48 13.78
CA 0GJ K . 15.67 3.12 12.95
C 0GJ K . 15.64 4.65 13.15
O 0GJ K . 15.08 5.18 14.11
CB 0GJ K . 14.31 2.46 13.14
CG 0GJ K . 13.41 2.53 11.91
CD 0GJ K . 11.96 2.19 12.14
OE1 0GJ K . 11.59 1.39 13.07
OE2 0GJ K . 11.08 2.68 11.37
N1 0GJ K . 16.32 5.49 12.16
CA1 0GJ K . 16.29 6.96 12.27
C1 0GJ K . 14.88 7.59 12.14
O1 0GJ K . 14.09 7.11 11.33
N2 0GJ K . 14.50 8.74 12.92
CA2 0GJ K . 13.19 9.31 12.78
C2 0GJ K . 13.20 10.69 12.06
O2 0GJ K . 11.81 11.07 11.56
CB1 0GJ K . 12.47 9.36 14.11
CG1 0GJ K . 13.22 9.06 15.38
CD1 0GJ K . 12.65 7.83 16.11
NE 0GJ K . 12.50 8.10 17.52
CZ 0GJ K . 12.16 7.09 18.48
NH1 0GJ K . 11.97 5.88 18.12
NH2 0GJ K . 12.04 7.38 19.71
C3 0GJ K . 14.25 10.80 10.88
S SO4 L . -14.59 26.49 -12.52
O1 SO4 L . -14.79 25.25 -13.28
O2 SO4 L . -13.39 26.35 -11.71
O3 SO4 L . -15.73 26.73 -11.61
O4 SO4 L . -14.45 27.61 -13.45
S SO4 M . -12.69 26.83 8.03
O1 SO4 M . -11.70 27.69 7.39
O2 SO4 M . -12.05 26.15 9.16
O3 SO4 M . -13.84 27.61 8.49
O4 SO4 M . -13.16 25.79 7.13
S SO4 N . -24.55 33.55 -7.41
O1 SO4 N . -23.85 34.83 -7.43
O2 SO4 N . -23.73 32.55 -6.69
O3 SO4 N . -25.83 33.72 -6.71
O4 SO4 N . -24.77 33.10 -8.79
N 0GJ O . -18.13 2.23 -11.76
CA 0GJ O . -17.50 2.38 -10.49
C 0GJ O . -18.21 3.46 -9.65
O 0GJ O . -18.17 4.64 -9.99
CB 0GJ O . -16.03 2.69 -10.66
CG 0GJ O . -15.18 2.33 -9.45
CD 0GJ O . -13.85 3.05 -9.34
OE1 0GJ O . -13.38 3.74 -10.31
OE2 0GJ O . -13.17 2.95 -8.28
N1 0GJ O . -18.97 3.03 -8.49
CA1 0GJ O . -19.66 4.01 -7.64
C1 0GJ O . -18.73 5.07 -6.97
O1 0GJ O . -17.62 4.73 -6.58
N2 0GJ O . -19.16 6.44 -6.83
CA2 0GJ O . -18.25 7.35 -6.15
C2 0GJ O . -18.80 7.71 -4.75
O2 0GJ O . -17.70 8.36 -3.93
CB1 0GJ O . -17.87 8.52 -7.01
CG1 0GJ O . -18.53 8.74 -8.34
CD1 0GJ O . -17.45 8.87 -9.42
NE 0GJ O . -17.69 9.96 -10.34
CZ 0GJ O . -17.16 9.92 -11.67
NH1 0GJ O . -16.46 8.90 -12.06
NH2 0GJ O . -17.37 10.87 -12.50
C3 0GJ O . -19.38 6.48 -3.95
#